data_3IN5
#
_entry.id   3IN5
#
_cell.length_a   116.846
_cell.length_b   154.480
_cell.length_c   217.293
_cell.angle_alpha   90.00
_cell.angle_beta   90.00
_cell.angle_gamma   90.00
#
_symmetry.space_group_name_H-M   'C 2 2 21'
#
loop_
_entity.id
_entity.type
_entity.pdbx_description
1 polymer 'DNA polymerase kappa'
2 polymer "DNA (5'-D(*GP*G*GP*GP*GP*AP*AP*GP*GP*AP*CP*TP*(DOC))-3')"
3 polymer "DNA (5'-D(*C*CP*TP*AP*(8OG)P*GP*AP*GP*TP*CP*CP*TP*TP*CP*CP*CP*CP*C)-3')"
4 non-polymer "ADENOSINE-5'-TRIPHOSPHATE"
5 non-polymer 'MAGNESIUM ION'
6 water water
#
loop_
_entity_poly.entity_id
_entity_poly.type
_entity_poly.pdbx_seq_one_letter_code
_entity_poly.pdbx_strand_id
1 'polypeptide(L)'
;MGLNDNKAGMEGLDKEKINKIIMEATKGSRFYGNELKKEKQVNQRIENMMQQKAQITSQQLRKAQLQVDRFAMELEQSRN
LSNTIVHIDMDAFYAAVEMRDNPELKDKPIAVGSMSMLSTSNYHARRFGVRAAMPGFIAKRLCPQLIIVPPNFDKYRAVS
KEVKEILADYDPNFMAMSLDEAYLNITKHLEERQNWPEDKRRYFIKMGSSVENDNPGKEVNKLSEHERSISPLLFEESPS
DVQPPGDPFQVNFEEQNNPQILQNSVVFGTSAQEVVKEIRFRIEQKTTLTASAGIAPNTMLAKVCSDKNKPNGQYQILPN
RQAVMDFIKDLPIRKVSGIGKVTEKMLKALGIITCTELYQQRALLSLLFSETSWHYFLHISLGLGSTHLTRDGERKSMSV
ERTFSEINKAEEQYSLCQELCSELAQDLQKERLKGRTVTIKLKNVNFEVKTRASTVSSVVSTAEEIFAIAKELLKTEIDA
DFPHPLRLRLMGVRISSFPNEEDRKHQQ
;
A,B
2 'polydeoxyribonucleotide' (DG)(DG)(DG)(DG)(DG)(DA)(DA)(DG)(DG)(DA)(DC)(DT)(DOC) P,Q
3 'polydeoxyribonucleotide' (DC)(DC)(DT)(DA)(8OG)(DG)(DA)(DG)(DT)(DC)(DC)(DT)(DT)(DC)(DC)(DC)(DC)(DC) T,U
#
# COMPACT_ATOMS: atom_id res chain seq x y z
N LYS A 7 -15.34 -2.82 -15.26
CA LYS A 7 -15.30 -3.80 -16.37
C LYS A 7 -15.32 -5.26 -15.83
N ALA A 8 -16.50 -5.73 -15.40
CA ALA A 8 -16.64 -6.95 -14.55
C ALA A 8 -16.78 -8.30 -15.30
N GLY A 9 -15.75 -8.71 -16.02
CA GLY A 9 -15.81 -9.91 -16.85
C GLY A 9 -14.53 -10.09 -17.65
N MET A 10 -14.55 -9.68 -18.92
CA MET A 10 -13.40 -9.83 -19.82
C MET A 10 -12.37 -8.66 -19.74
N GLU A 11 -11.13 -9.02 -19.41
CA GLU A 11 -9.95 -8.14 -19.48
C GLU A 11 -9.08 -8.63 -20.65
N GLY A 12 -7.82 -8.19 -20.74
CA GLY A 12 -6.92 -8.58 -21.84
C GLY A 12 -7.53 -8.28 -23.20
N LEU A 13 -8.09 -7.07 -23.33
CA LEU A 13 -8.86 -6.63 -24.50
C LEU A 13 -8.06 -5.65 -25.35
N ASP A 14 -8.36 -5.62 -26.66
CA ASP A 14 -7.73 -4.67 -27.61
C ASP A 14 -8.27 -3.24 -27.40
N LYS A 15 -7.89 -2.62 -26.27
CA LYS A 15 -8.45 -1.34 -25.85
C LYS A 15 -8.18 -0.21 -26.87
N GLU A 16 -7.42 -0.53 -27.92
CA GLU A 16 -7.08 0.42 -29.00
C GLU A 16 -8.12 0.43 -30.11
N LYS A 17 -8.33 -0.73 -30.75
CA LYS A 17 -9.29 -0.85 -31.85
C LYS A 17 -10.71 -0.65 -31.33
N ILE A 18 -10.94 -1.04 -30.06
CA ILE A 18 -12.24 -0.84 -29.40
C ILE A 18 -12.49 0.63 -29.09
N ASN A 19 -11.53 1.29 -28.41
CA ASN A 19 -11.67 2.72 -28.10
C ASN A 19 -11.81 3.61 -29.33
N LYS A 20 -11.10 3.27 -30.40
CA LYS A 20 -11.15 4.02 -31.65
C LYS A 20 -12.56 3.99 -32.19
N ILE A 21 -13.13 2.78 -32.27
CA ILE A 21 -14.47 2.60 -32.81
C ILE A 21 -15.49 3.32 -31.94
N ILE A 22 -15.43 3.10 -30.64
CA ILE A 22 -16.35 3.80 -29.76
C ILE A 22 -16.26 5.27 -30.03
N MET A 23 -15.06 5.82 -30.16
CA MET A 23 -14.92 7.28 -30.36
C MET A 23 -15.43 7.76 -31.71
N GLU A 24 -15.05 7.09 -32.80
CA GLU A 24 -15.54 7.47 -34.15
C GLU A 24 -17.07 7.51 -34.20
N ALA A 25 -17.75 6.64 -33.46
CA ALA A 25 -19.22 6.59 -33.42
C ALA A 25 -19.81 7.47 -32.35
N THR A 26 -18.99 8.33 -31.78
CA THR A 26 -19.44 9.29 -30.77
C THR A 26 -18.89 10.69 -31.04
N LYS A 27 -17.81 10.79 -31.83
CA LYS A 27 -17.01 12.01 -32.04
C LYS A 27 -17.81 13.28 -32.00
N GLY A 28 -18.61 13.53 -33.04
CA GLY A 28 -19.29 14.83 -33.20
C GLY A 28 -20.74 14.84 -32.75
N SER A 29 -21.13 13.80 -32.02
CA SER A 29 -22.52 13.59 -31.62
C SER A 29 -23.02 14.71 -30.74
N ARG A 30 -24.32 14.79 -30.69
CA ARG A 30 -25.00 15.71 -29.84
C ARG A 30 -24.81 15.21 -28.40
N PHE A 31 -24.83 13.89 -28.21
CA PHE A 31 -24.57 13.30 -26.89
C PHE A 31 -23.18 13.60 -26.35
N TYR A 32 -22.19 13.31 -27.15
CA TYR A 32 -20.82 13.54 -26.76
C TYR A 32 -20.62 15.00 -26.42
N GLY A 33 -21.33 15.88 -27.10
CA GLY A 33 -21.24 17.29 -26.80
C GLY A 33 -21.57 17.54 -25.34
N ASN A 34 -22.78 17.18 -24.93
CA ASN A 34 -23.21 17.33 -23.54
C ASN A 34 -22.24 16.63 -22.59
N GLU A 35 -21.78 15.46 -23.01
CA GLU A 35 -20.85 14.66 -22.21
C GLU A 35 -19.55 15.43 -21.93
N LEU A 36 -19.14 16.24 -22.90
CA LEU A 36 -17.96 17.06 -22.79
C LEU A 36 -18.20 18.20 -21.83
N LYS A 37 -19.35 18.89 -21.93
CA LYS A 37 -19.73 19.96 -20.98
C LYS A 37 -19.78 19.44 -19.54
N LYS A 38 -20.20 18.19 -19.37
CA LYS A 38 -20.27 17.55 -18.05
C LYS A 38 -18.90 17.46 -17.38
N GLU A 39 -17.93 17.00 -18.17
CA GLU A 39 -16.53 16.84 -17.77
C GLU A 39 -15.96 18.20 -17.34
N LYS A 40 -16.17 19.22 -18.17
CA LYS A 40 -15.91 20.61 -17.78
C LYS A 40 -16.55 20.89 -16.41
N GLN A 41 -17.83 20.61 -16.26
CA GLN A 41 -18.49 20.88 -14.99
C GLN A 41 -17.80 20.13 -13.81
N VAL A 42 -17.30 18.92 -14.07
CA VAL A 42 -16.65 18.10 -13.01
C VAL A 42 -15.26 18.64 -12.70
N ASN A 43 -14.55 19.09 -13.72
CA ASN A 43 -13.27 19.77 -13.53
C ASN A 43 -13.41 21.04 -12.71
N GLN A 44 -14.50 21.78 -12.89
CA GLN A 44 -14.78 22.96 -12.06
C GLN A 44 -14.94 22.58 -10.58
N ARG A 45 -15.54 21.43 -10.35
CA ARG A 45 -15.88 21.03 -9.01
C ARG A 45 -14.59 20.71 -8.29
N ILE A 46 -13.72 20.00 -9.01
CA ILE A 46 -12.39 19.69 -8.51
C ILE A 46 -11.68 21.00 -8.19
N GLU A 47 -11.82 21.95 -9.10
CA GLU A 47 -11.17 23.24 -8.96
C GLU A 47 -11.49 23.95 -7.67
N ASN A 48 -12.75 23.93 -7.24
CA ASN A 48 -13.09 24.59 -5.97
C ASN A 48 -12.56 23.78 -4.80
N MET A 49 -12.51 22.46 -4.96
CA MET A 49 -11.96 21.61 -3.90
C MET A 49 -10.48 21.97 -3.71
N MET A 50 -9.72 21.85 -4.79
CA MET A 50 -8.33 22.25 -4.81
C MET A 50 -8.10 23.69 -4.33
N GLN A 51 -9.10 24.55 -4.42
CA GLN A 51 -8.98 25.88 -3.84
C GLN A 51 -9.17 25.79 -2.34
N GLN A 52 -10.22 25.10 -1.91
CA GLN A 52 -10.46 24.94 -0.48
C GLN A 52 -9.23 24.33 0.21
N LYS A 53 -8.54 23.40 -0.45
CA LYS A 53 -7.34 22.75 0.12
C LYS A 53 -6.29 23.82 0.38
N ALA A 54 -5.90 24.54 -0.66
CA ALA A 54 -4.88 25.59 -0.58
C ALA A 54 -5.00 26.55 0.61
N GLN A 55 -6.19 26.65 1.21
CA GLN A 55 -6.45 27.52 2.37
C GLN A 55 -6.65 26.74 3.67
N ILE A 56 -5.78 25.78 3.92
CA ILE A 56 -5.80 25.07 5.20
C ILE A 56 -4.44 25.14 5.84
N THR A 57 -4.45 25.36 7.14
CA THR A 57 -3.25 25.56 7.91
C THR A 57 -2.92 24.29 8.65
N SER A 58 -1.63 24.01 8.80
CA SER A 58 -1.22 22.75 9.41
C SER A 58 -1.85 22.55 10.78
N GLN A 59 -2.13 23.62 11.51
CA GLN A 59 -2.75 23.45 12.82
C GLN A 59 -4.23 23.08 12.68
N GLN A 60 -4.85 23.60 11.61
CA GLN A 60 -6.22 23.24 11.24
C GLN A 60 -6.27 21.74 10.93
N LEU A 61 -5.37 21.34 10.03
CA LEU A 61 -5.17 19.95 9.61
C LEU A 61 -4.85 19.04 10.79
N ARG A 62 -3.83 19.39 11.57
CA ARG A 62 -3.44 18.63 12.75
C ARG A 62 -4.61 18.32 13.68
N LYS A 63 -5.50 19.31 13.84
CA LYS A 63 -6.67 19.13 14.72
C LYS A 63 -7.61 18.09 14.11
N ALA A 64 -7.78 18.15 12.79
CA ALA A 64 -8.59 17.18 12.05
C ALA A 64 -8.09 15.78 12.33
N GLN A 65 -6.77 15.62 12.27
CA GLN A 65 -6.10 14.36 12.62
C GLN A 65 -6.53 13.84 13.99
N LEU A 66 -6.63 14.73 14.98
CA LEU A 66 -7.06 14.28 16.30
C LEU A 66 -8.43 13.61 16.21
N GLN A 67 -9.44 14.32 15.70
CA GLN A 67 -10.83 13.80 15.69
C GLN A 67 -10.92 12.49 14.91
N VAL A 68 -10.49 12.56 13.64
CA VAL A 68 -10.58 11.44 12.73
C VAL A 68 -9.94 10.15 13.29
N ASP A 69 -8.77 10.31 13.93
CA ASP A 69 -8.05 9.19 14.57
C ASP A 69 -8.81 8.67 15.78
N ARG A 70 -9.49 9.56 16.49
CA ARG A 70 -10.29 9.15 17.65
C ARG A 70 -11.51 8.42 17.13
N PHE A 71 -12.12 8.95 16.09
CA PHE A 71 -13.27 8.32 15.46
C PHE A 71 -12.91 6.93 14.92
N ALA A 72 -11.85 6.89 14.10
CA ALA A 72 -11.24 5.66 13.63
C ALA A 72 -11.16 4.65 14.75
N MET A 73 -10.38 5.02 15.77
CA MET A 73 -10.21 4.19 16.95
C MET A 73 -11.53 3.65 17.51
N GLU A 74 -12.58 4.46 17.53
CA GLU A 74 -13.89 3.98 18.01
C GLU A 74 -14.39 2.85 17.10
N LEU A 75 -14.49 3.13 15.79
CA LEU A 75 -14.86 2.15 14.76
C LEU A 75 -14.03 0.87 14.90
N GLU A 76 -12.72 1.05 14.92
CA GLU A 76 -11.82 -0.08 14.99
C GLU A 76 -12.16 -0.94 16.21
N GLN A 77 -12.65 -0.31 17.27
CA GLN A 77 -12.94 -1.07 18.48
C GLN A 77 -14.24 -1.86 18.33
N SER A 78 -15.19 -1.28 17.61
CA SER A 78 -16.46 -1.95 17.32
C SER A 78 -16.47 -2.68 15.97
N ARG A 79 -15.30 -2.95 15.39
CA ARG A 79 -15.20 -3.84 14.23
C ARG A 79 -15.67 -5.25 14.57
N ASN A 80 -16.62 -5.74 13.77
CA ASN A 80 -17.30 -7.01 13.98
C ASN A 80 -16.86 -8.05 12.97
N LEU A 81 -16.26 -9.15 13.41
CA LEU A 81 -15.86 -10.20 12.46
C LEU A 81 -16.57 -11.53 12.71
N SER A 82 -17.72 -11.49 13.36
CA SER A 82 -18.46 -12.69 13.75
C SER A 82 -19.33 -13.23 12.65
N ASN A 83 -19.87 -12.33 11.83
CA ASN A 83 -20.76 -12.75 10.75
C ASN A 83 -20.01 -13.19 9.49
N THR A 84 -20.53 -14.24 8.85
CA THR A 84 -20.15 -14.58 7.48
C THR A 84 -21.21 -14.14 6.50
N ILE A 85 -20.94 -13.05 5.78
CA ILE A 85 -21.83 -12.52 4.75
C ILE A 85 -21.50 -13.06 3.35
N VAL A 86 -22.50 -13.52 2.61
CA VAL A 86 -22.28 -13.96 1.23
C VAL A 86 -23.04 -13.04 0.30
N HIS A 87 -22.39 -12.61 -0.78
CA HIS A 87 -23.07 -11.84 -1.79
C HIS A 87 -23.15 -12.74 -3.01
N ILE A 88 -24.37 -13.01 -3.45
CA ILE A 88 -24.58 -13.86 -4.61
C ILE A 88 -24.86 -12.94 -5.77
N ASP A 89 -24.22 -13.24 -6.92
CA ASP A 89 -24.25 -12.37 -8.09
C ASP A 89 -24.25 -13.20 -9.34
N MET A 90 -25.41 -13.31 -9.97
CA MET A 90 -25.58 -14.16 -11.14
C MET A 90 -24.73 -13.65 -12.29
N ASP A 91 -24.27 -14.56 -13.14
CA ASP A 91 -23.39 -14.18 -14.23
C ASP A 91 -24.16 -13.79 -15.46
N ALA A 92 -23.76 -12.70 -16.11
CA ALA A 92 -24.40 -12.21 -17.32
C ALA A 92 -25.90 -12.50 -17.30
N PHE A 93 -26.59 -11.99 -16.28
CA PHE A 93 -27.93 -12.49 -15.92
C PHE A 93 -28.97 -12.44 -17.02
N TYR A 94 -29.30 -11.27 -17.55
CA TYR A 94 -30.36 -11.18 -18.56
C TYR A 94 -29.98 -11.96 -19.82
N ALA A 95 -28.71 -11.90 -20.21
CA ALA A 95 -28.23 -12.66 -21.38
C ALA A 95 -28.41 -14.12 -21.11
N ALA A 96 -27.88 -14.57 -19.98
CA ALA A 96 -27.88 -15.98 -19.59
C ALA A 96 -29.27 -16.60 -19.61
N VAL A 97 -30.23 -15.89 -19.02
CA VAL A 97 -31.62 -16.36 -19.02
C VAL A 97 -32.07 -16.56 -20.44
N GLU A 98 -31.77 -15.61 -21.32
CA GLU A 98 -32.24 -15.68 -22.70
C GLU A 98 -31.55 -16.84 -23.44
N MET A 99 -30.27 -17.05 -23.16
CA MET A 99 -29.54 -18.17 -23.74
C MET A 99 -30.16 -19.51 -23.28
N ARG A 100 -30.63 -19.54 -22.04
CA ARG A 100 -31.25 -20.71 -21.46
C ARG A 100 -32.55 -20.97 -22.20
N ASP A 101 -33.42 -19.98 -22.23
CA ASP A 101 -34.66 -20.03 -23.00
C ASP A 101 -34.54 -20.37 -24.48
N ASN A 102 -33.57 -19.78 -25.16
CA ASN A 102 -33.43 -19.99 -26.59
C ASN A 102 -32.05 -20.59 -26.92
N PRO A 103 -31.93 -21.92 -26.89
CA PRO A 103 -30.69 -22.70 -27.02
C PRO A 103 -29.79 -22.27 -28.17
N GLU A 104 -30.40 -21.91 -29.29
CA GLU A 104 -29.67 -21.41 -30.46
C GLU A 104 -28.62 -20.36 -30.09
N LEU A 105 -29.04 -19.37 -29.31
CA LEU A 105 -28.19 -18.26 -28.88
C LEU A 105 -27.02 -18.73 -28.02
N LYS A 106 -27.13 -19.89 -27.37
CA LYS A 106 -26.09 -20.36 -26.42
C LYS A 106 -24.65 -20.42 -26.99
N ASP A 107 -24.54 -20.32 -28.32
CA ASP A 107 -23.30 -20.51 -29.05
C ASP A 107 -22.65 -19.20 -29.54
N LYS A 108 -23.32 -18.08 -29.31
CA LYS A 108 -22.97 -16.82 -29.97
C LYS A 108 -22.94 -15.56 -29.06
N PRO A 109 -22.45 -14.42 -29.59
CA PRO A 109 -22.39 -13.22 -28.78
C PRO A 109 -23.74 -12.54 -28.80
N ILE A 110 -24.26 -12.20 -27.62
CA ILE A 110 -25.60 -11.63 -27.55
C ILE A 110 -25.68 -10.59 -26.47
N ALA A 111 -26.70 -9.76 -26.53
CA ALA A 111 -26.93 -8.76 -25.52
C ALA A 111 -28.40 -8.56 -25.37
N VAL A 112 -28.79 -7.98 -24.25
CA VAL A 112 -30.18 -7.75 -23.94
C VAL A 112 -30.34 -6.25 -23.85
N GLY A 113 -31.20 -5.71 -24.70
CA GLY A 113 -31.33 -4.27 -24.87
C GLY A 113 -31.90 -3.95 -26.23
N SER A 114 -31.53 -2.80 -26.74
CA SER A 114 -32.03 -2.39 -28.03
C SER A 114 -30.86 -1.99 -28.85
N MET A 115 -31.14 -1.55 -30.06
CA MET A 115 -30.11 -0.96 -30.92
C MET A 115 -29.59 0.36 -30.32
N SER A 116 -30.38 1.01 -29.47
CA SER A 116 -29.93 2.24 -28.84
C SER A 116 -29.50 2.14 -27.39
N MET A 117 -29.41 0.93 -26.82
CA MET A 117 -28.87 0.72 -25.43
C MET A 117 -28.91 -0.75 -24.96
N LEU A 118 -27.80 -1.24 -24.37
CA LEU A 118 -27.67 -2.64 -23.90
C LEU A 118 -27.72 -2.72 -22.39
N SER A 119 -28.62 -3.53 -21.84
CA SER A 119 -28.74 -3.74 -20.39
C SER A 119 -27.64 -4.66 -19.87
N THR A 120 -27.23 -5.59 -20.71
CA THR A 120 -26.11 -6.47 -20.42
C THR A 120 -25.65 -7.16 -21.70
N SER A 121 -24.65 -8.02 -21.58
CA SER A 121 -24.16 -8.82 -22.70
C SER A 121 -23.49 -10.09 -22.19
N ASN A 122 -23.75 -11.22 -22.82
CA ASN A 122 -23.09 -12.46 -22.39
C ASN A 122 -21.60 -12.33 -22.61
N TYR A 123 -20.85 -13.28 -22.04
CA TYR A 123 -19.40 -13.19 -21.97
C TYR A 123 -18.71 -13.26 -23.33
N HIS A 124 -19.19 -14.10 -24.23
CA HIS A 124 -18.57 -14.20 -25.55
C HIS A 124 -18.53 -12.81 -26.21
N ALA A 125 -19.57 -12.01 -26.03
CA ALA A 125 -19.63 -10.67 -26.58
C ALA A 125 -18.72 -9.72 -25.84
N ARG A 126 -18.59 -9.91 -24.53
CA ARG A 126 -17.64 -9.09 -23.76
C ARG A 126 -16.23 -9.23 -24.33
N ARG A 127 -15.96 -10.37 -24.99
CA ARG A 127 -14.66 -10.60 -25.63
C ARG A 127 -14.42 -9.52 -26.70
N PHE A 128 -15.48 -9.09 -27.38
CA PHE A 128 -15.40 -7.95 -28.33
C PHE A 128 -15.48 -6.56 -27.64
N GLY A 129 -15.61 -6.57 -26.32
CA GLY A 129 -15.70 -5.34 -25.55
C GLY A 129 -17.11 -4.80 -25.50
N VAL A 130 -18.09 -5.67 -25.69
CA VAL A 130 -19.49 -5.28 -25.62
C VAL A 130 -19.97 -5.37 -24.17
N ARG A 131 -20.46 -4.27 -23.62
CA ARG A 131 -20.78 -4.16 -22.21
C ARG A 131 -22.16 -3.53 -22.02
N ALA A 132 -22.68 -3.58 -20.80
CA ALA A 132 -23.90 -2.89 -20.48
C ALA A 132 -23.63 -1.38 -20.52
N ALA A 133 -24.72 -0.60 -20.47
CA ALA A 133 -24.68 0.87 -20.61
C ALA A 133 -24.11 1.40 -21.94
N MET A 134 -23.66 0.51 -22.82
CA MET A 134 -23.16 0.90 -24.13
C MET A 134 -24.28 0.72 -25.15
N PRO A 135 -24.53 1.73 -26.02
CA PRO A 135 -25.60 1.62 -27.02
C PRO A 135 -25.36 0.53 -28.04
N GLY A 136 -26.45 -0.11 -28.43
CA GLY A 136 -26.42 -1.30 -29.26
C GLY A 136 -25.80 -1.07 -30.61
N PHE A 137 -25.91 0.17 -31.12
CA PHE A 137 -25.32 0.46 -32.42
C PHE A 137 -23.78 0.54 -32.36
N ILE A 138 -23.22 1.14 -31.31
CA ILE A 138 -21.78 1.05 -31.11
C ILE A 138 -21.40 -0.41 -30.90
N ALA A 139 -22.13 -1.10 -30.03
CA ALA A 139 -21.87 -2.52 -29.77
C ALA A 139 -21.79 -3.31 -31.08
N LYS A 140 -22.75 -3.13 -31.97
CA LYS A 140 -22.79 -3.86 -33.24
C LYS A 140 -21.55 -3.58 -34.09
N ARG A 141 -21.06 -2.36 -34.02
CA ARG A 141 -19.81 -2.05 -34.68
C ARG A 141 -18.65 -2.86 -34.08
N LEU A 142 -18.63 -3.03 -32.76
CA LEU A 142 -17.59 -3.85 -32.15
C LEU A 142 -17.76 -5.32 -32.51
N CYS A 143 -18.99 -5.78 -32.63
CA CYS A 143 -19.28 -7.18 -32.91
C CYS A 143 -20.40 -7.25 -33.93
N PRO A 144 -20.05 -7.27 -35.23
CA PRO A 144 -21.11 -7.19 -36.24
C PRO A 144 -22.09 -8.36 -36.22
N GLN A 145 -21.72 -9.47 -35.58
CA GLN A 145 -22.65 -10.61 -35.52
C GLN A 145 -23.45 -10.68 -34.23
N LEU A 146 -23.33 -9.65 -33.39
CA LEU A 146 -24.06 -9.59 -32.14
C LEU A 146 -25.54 -9.65 -32.39
N ILE A 147 -26.23 -10.57 -31.71
CA ILE A 147 -27.68 -10.63 -31.67
C ILE A 147 -28.23 -9.84 -30.49
N ILE A 148 -28.96 -8.78 -30.72
CA ILE A 148 -29.55 -8.05 -29.61
C ILE A 148 -30.94 -8.61 -29.30
N VAL A 149 -31.16 -9.05 -28.08
CA VAL A 149 -32.47 -9.58 -27.67
C VAL A 149 -33.24 -8.57 -26.78
N PRO A 150 -34.52 -8.37 -27.06
CA PRO A 150 -35.31 -7.45 -26.22
C PRO A 150 -35.51 -7.95 -24.80
N PRO A 151 -35.44 -7.05 -23.79
CA PRO A 151 -35.59 -7.46 -22.40
C PRO A 151 -37.00 -7.90 -22.08
N ASN A 152 -37.14 -8.97 -21.34
CA ASN A 152 -38.41 -9.53 -20.94
C ASN A 152 -38.41 -9.74 -19.43
N PHE A 153 -38.75 -8.69 -18.69
CA PHE A 153 -38.59 -8.71 -17.23
C PHE A 153 -39.38 -9.82 -16.55
N ASP A 154 -40.50 -10.23 -17.13
CA ASP A 154 -41.31 -11.25 -16.50
C ASP A 154 -40.54 -12.55 -16.49
N LYS A 155 -39.83 -12.82 -17.57
CA LYS A 155 -38.97 -14.00 -17.68
C LYS A 155 -37.83 -13.94 -16.67
N TYR A 156 -37.26 -12.76 -16.47
CA TYR A 156 -36.14 -12.59 -15.56
C TYR A 156 -36.59 -12.72 -14.12
N ARG A 157 -37.75 -12.14 -13.79
CA ARG A 157 -38.32 -12.25 -12.45
C ARG A 157 -38.59 -13.70 -12.07
N ALA A 158 -39.06 -14.52 -12.99
CA ALA A 158 -39.20 -15.96 -12.73
C ALA A 158 -37.87 -16.58 -12.24
N VAL A 159 -36.85 -16.58 -13.07
CA VAL A 159 -35.54 -17.09 -12.66
C VAL A 159 -35.08 -16.45 -11.35
N SER A 160 -35.42 -15.17 -11.12
CA SER A 160 -35.02 -14.53 -9.89
C SER A 160 -35.57 -15.28 -8.70
N LYS A 161 -36.89 -15.45 -8.67
CA LYS A 161 -37.55 -16.10 -7.54
C LYS A 161 -37.32 -17.62 -7.55
N GLU A 162 -36.87 -18.11 -8.69
CA GLU A 162 -36.43 -19.49 -8.84
C GLU A 162 -35.17 -19.71 -7.99
N VAL A 163 -34.29 -18.71 -7.98
CA VAL A 163 -33.05 -18.80 -7.22
C VAL A 163 -33.23 -18.30 -5.80
N LYS A 164 -34.13 -17.33 -5.57
CA LYS A 164 -34.43 -16.87 -4.21
C LYS A 164 -34.95 -18.01 -3.32
N GLU A 165 -35.51 -19.05 -3.96
CA GLU A 165 -35.94 -20.26 -3.25
C GLU A 165 -34.78 -21.07 -2.67
N ILE A 166 -33.66 -21.17 -3.38
CA ILE A 166 -32.45 -21.78 -2.79
C ILE A 166 -31.93 -20.91 -1.65
N LEU A 167 -31.92 -19.59 -1.84
CA LEU A 167 -31.29 -18.72 -0.85
C LEU A 167 -31.95 -18.79 0.52
N ALA A 168 -33.26 -18.98 0.58
CA ALA A 168 -33.95 -18.87 1.86
C ALA A 168 -33.51 -19.97 2.77
N ASP A 169 -33.09 -21.11 2.21
CA ASP A 169 -32.58 -22.24 3.03
C ASP A 169 -31.41 -21.83 3.95
N TYR A 170 -30.46 -21.06 3.40
CA TYR A 170 -29.24 -20.70 4.12
C TYR A 170 -29.44 -19.42 4.93
N ASP A 171 -30.41 -18.60 4.55
CA ASP A 171 -30.76 -17.43 5.35
C ASP A 171 -32.17 -16.97 5.01
N PRO A 172 -33.18 -17.48 5.74
CA PRO A 172 -34.56 -17.01 5.60
C PRO A 172 -34.70 -15.51 5.57
N ASN A 173 -33.68 -14.79 6.03
CA ASN A 173 -33.76 -13.36 6.09
C ASN A 173 -32.98 -12.62 5.04
N PHE A 174 -32.35 -13.36 4.13
CA PHE A 174 -31.50 -12.81 3.06
C PHE A 174 -32.17 -11.62 2.37
N MET A 175 -31.39 -10.59 2.04
CA MET A 175 -31.94 -9.43 1.35
C MET A 175 -31.50 -9.37 -0.11
N ALA A 176 -32.48 -9.36 -1.03
CA ALA A 176 -32.27 -9.20 -2.46
C ALA A 176 -32.04 -7.75 -2.79
N MET A 177 -31.07 -7.50 -3.67
CA MET A 177 -30.70 -6.16 -4.07
C MET A 177 -31.22 -5.80 -5.46
N SER A 178 -31.51 -6.81 -6.23
CA SER A 178 -31.92 -6.63 -7.60
C SER A 178 -32.33 -8.03 -7.98
N LEU A 179 -32.70 -8.26 -9.23
CA LEU A 179 -33.16 -9.58 -9.65
C LEU A 179 -32.02 -10.63 -9.64
N ASP A 180 -30.76 -10.19 -9.79
CA ASP A 180 -29.64 -11.13 -9.81
C ASP A 180 -28.66 -11.06 -8.62
N GLU A 181 -28.94 -10.22 -7.61
CA GLU A 181 -28.07 -10.10 -6.43
C GLU A 181 -28.80 -10.19 -5.12
N ALA A 182 -28.15 -10.76 -4.11
CA ALA A 182 -28.64 -10.77 -2.74
C ALA A 182 -27.47 -10.90 -1.74
N TYR A 183 -27.61 -10.36 -0.53
CA TYR A 183 -26.70 -10.68 0.55
C TYR A 183 -27.36 -11.78 1.33
N LEU A 184 -26.58 -12.74 1.83
CA LEU A 184 -27.04 -13.74 2.80
C LEU A 184 -26.13 -13.68 4.00
N ASN A 185 -26.67 -13.78 5.20
CA ASN A 185 -25.85 -13.99 6.39
C ASN A 185 -25.87 -15.45 6.81
N ILE A 186 -24.95 -16.24 6.29
CA ILE A 186 -24.92 -17.67 6.59
C ILE A 186 -24.27 -18.03 7.96
N THR A 187 -24.02 -16.99 8.75
CA THR A 187 -23.42 -17.14 10.08
C THR A 187 -24.14 -18.20 10.94
N LYS A 188 -25.46 -18.20 10.93
CA LYS A 188 -26.23 -19.18 11.72
C LYS A 188 -26.29 -20.56 11.05
N HIS A 189 -26.54 -20.59 9.75
CA HIS A 189 -26.47 -21.85 9.04
C HIS A 189 -25.13 -22.54 9.25
N LEU A 190 -24.04 -21.78 9.21
CA LEU A 190 -22.70 -22.36 9.39
C LEU A 190 -22.51 -23.09 10.73
N GLU A 191 -23.21 -22.64 11.78
CA GLU A 191 -23.11 -23.26 13.11
C GLU A 191 -23.80 -24.63 13.09
N GLU A 192 -25.08 -24.62 12.68
CA GLU A 192 -25.89 -25.82 12.61
C GLU A 192 -25.28 -26.87 11.69
N ARG A 193 -24.68 -26.39 10.59
CA ARG A 193 -24.08 -27.24 9.57
C ARG A 193 -22.91 -28.09 10.07
N GLN A 194 -22.28 -27.64 11.14
CA GLN A 194 -21.15 -28.36 11.71
C GLN A 194 -21.57 -29.73 12.20
N ASN A 195 -22.84 -29.86 12.58
CA ASN A 195 -23.40 -31.12 13.06
C ASN A 195 -24.20 -31.91 11.99
N TRP A 196 -24.07 -31.50 10.73
CA TRP A 196 -24.83 -32.14 9.67
C TRP A 196 -24.04 -33.34 9.20
N PRO A 197 -24.73 -34.48 9.01
CA PRO A 197 -24.03 -35.62 8.45
C PRO A 197 -24.02 -35.56 6.92
N GLU A 198 -23.13 -36.36 6.32
CA GLU A 198 -22.87 -36.40 4.87
C GLU A 198 -24.12 -36.25 4.02
N ASP A 199 -25.06 -37.18 4.20
CA ASP A 199 -26.28 -37.28 3.36
C ASP A 199 -27.09 -35.98 3.32
N LYS A 200 -27.01 -35.19 4.39
CA LYS A 200 -27.69 -33.89 4.47
C LYS A 200 -26.94 -32.82 3.62
N ARG A 201 -25.73 -33.16 3.20
CA ARG A 201 -24.87 -32.31 2.39
C ARG A 201 -24.41 -33.04 1.12
N ARG A 202 -25.16 -34.06 0.71
CA ARG A 202 -24.88 -34.83 -0.52
C ARG A 202 -25.98 -34.55 -1.54
N TYR A 203 -25.57 -34.18 -2.77
CA TYR A 203 -26.51 -33.86 -3.88
C TYR A 203 -26.22 -34.68 -5.11
N PHE A 204 -27.27 -34.96 -5.88
CA PHE A 204 -27.17 -35.75 -7.12
C PHE A 204 -26.88 -34.85 -8.33
N ILE A 205 -25.92 -35.25 -9.17
CA ILE A 205 -25.44 -34.41 -10.29
C ILE A 205 -26.40 -34.43 -11.51
N LYS A 206 -26.41 -33.31 -12.25
CA LYS A 206 -27.21 -33.06 -13.49
C LYS A 206 -28.55 -33.82 -13.55
N GLN A 263 -19.32 -42.41 -10.19
CA GLN A 263 -20.40 -41.93 -9.31
C GLN A 263 -21.02 -40.61 -9.79
N ASN A 264 -22.28 -40.39 -9.43
CA ASN A 264 -22.98 -39.14 -9.71
C ASN A 264 -23.66 -38.60 -8.46
N SER A 265 -22.84 -37.90 -7.69
CA SER A 265 -23.21 -37.33 -6.41
C SER A 265 -22.00 -36.56 -5.88
N VAL A 266 -22.24 -35.49 -5.14
CA VAL A 266 -21.17 -34.93 -4.32
C VAL A 266 -21.67 -34.44 -2.99
N VAL A 267 -20.75 -34.53 -2.03
CA VAL A 267 -20.97 -34.09 -0.68
C VAL A 267 -20.21 -32.78 -0.53
N PHE A 268 -20.85 -31.81 0.11
CA PHE A 268 -20.18 -30.55 0.38
C PHE A 268 -19.71 -30.54 1.81
N GLY A 269 -18.56 -29.94 2.03
CA GLY A 269 -18.01 -29.81 3.36
C GLY A 269 -18.88 -28.98 4.30
N THR A 270 -18.23 -28.54 5.36
CA THR A 270 -18.89 -27.92 6.48
C THR A 270 -18.53 -26.45 6.57
N SER A 271 -17.52 -26.03 5.81
CA SER A 271 -16.99 -24.66 5.87
C SER A 271 -17.81 -23.68 5.08
N ALA A 272 -17.66 -22.39 5.38
CA ALA A 272 -18.34 -21.35 4.61
C ALA A 272 -18.04 -21.57 3.14
N GLN A 273 -16.76 -21.63 2.81
CA GLN A 273 -16.31 -21.88 1.44
C GLN A 273 -17.17 -22.96 0.76
N GLU A 274 -17.40 -24.08 1.45
CA GLU A 274 -18.20 -25.18 0.90
C GLU A 274 -19.68 -24.85 0.81
N VAL A 275 -20.29 -24.40 1.90
CA VAL A 275 -21.72 -24.00 1.81
C VAL A 275 -21.99 -23.08 0.63
N VAL A 276 -21.03 -22.23 0.25
CA VAL A 276 -21.19 -21.34 -0.93
C VAL A 276 -21.03 -22.09 -2.26
N LYS A 277 -20.03 -22.97 -2.34
CA LYS A 277 -19.95 -23.94 -3.44
C LYS A 277 -21.29 -24.68 -3.61
N GLU A 278 -21.76 -25.28 -2.52
CA GLU A 278 -23.06 -25.94 -2.51
C GLU A 278 -24.18 -25.06 -3.06
N ILE A 279 -24.31 -23.81 -2.59
CA ILE A 279 -25.37 -22.91 -3.09
C ILE A 279 -25.21 -22.74 -4.60
N ARG A 280 -24.05 -22.23 -5.02
CA ARG A 280 -23.78 -22.04 -6.42
C ARG A 280 -24.13 -23.29 -7.23
N PHE A 281 -23.77 -24.46 -6.70
CA PHE A 281 -24.07 -25.73 -7.38
C PHE A 281 -25.57 -25.95 -7.56
N ARG A 282 -26.30 -25.92 -6.46
CA ARG A 282 -27.75 -26.00 -6.51
C ARG A 282 -28.34 -24.96 -7.47
N ILE A 283 -27.83 -23.73 -7.45
CA ILE A 283 -28.30 -22.68 -8.36
C ILE A 283 -28.12 -23.11 -9.82
N GLU A 284 -26.93 -23.58 -10.17
CA GLU A 284 -26.67 -24.01 -11.55
C GLU A 284 -27.56 -25.19 -11.97
N GLN A 285 -27.77 -26.11 -11.04
CA GLN A 285 -28.47 -27.35 -11.33
C GLN A 285 -29.95 -27.15 -11.52
N LYS A 286 -30.53 -26.18 -10.81
CA LYS A 286 -31.99 -25.98 -10.82
C LYS A 286 -32.46 -25.07 -11.93
N THR A 287 -31.65 -24.07 -12.26
CA THR A 287 -31.99 -23.06 -13.26
C THR A 287 -31.21 -23.22 -14.56
N THR A 288 -30.04 -23.86 -14.51
CA THR A 288 -29.11 -23.92 -15.65
C THR A 288 -28.10 -22.79 -15.67
N LEU A 289 -28.29 -21.76 -14.85
CA LEU A 289 -27.43 -20.57 -14.91
C LEU A 289 -26.30 -20.65 -13.86
N THR A 290 -25.18 -19.96 -14.08
CA THR A 290 -24.12 -19.94 -13.07
C THR A 290 -24.05 -18.63 -12.30
N ALA A 291 -23.76 -18.74 -11.00
CA ALA A 291 -23.57 -17.59 -10.12
C ALA A 291 -22.10 -17.48 -9.67
N SER A 292 -21.71 -16.28 -9.23
CA SER A 292 -20.46 -16.06 -8.52
C SER A 292 -20.81 -15.58 -7.13
N ALA A 293 -19.85 -15.71 -6.21
CA ALA A 293 -20.14 -15.45 -4.80
C ALA A 293 -18.96 -14.79 -4.11
N GLY A 294 -19.28 -13.90 -3.16
CA GLY A 294 -18.24 -13.35 -2.28
C GLY A 294 -18.50 -13.73 -0.84
N ILE A 295 -17.45 -14.14 -0.13
CA ILE A 295 -17.59 -14.46 1.27
C ILE A 295 -16.68 -13.55 2.04
N ALA A 296 -17.20 -12.82 3.00
CA ALA A 296 -16.36 -11.99 3.82
C ALA A 296 -17.12 -11.54 5.06
N PRO A 297 -16.43 -10.91 6.01
CA PRO A 297 -17.01 -10.49 7.28
C PRO A 297 -18.18 -9.52 7.22
N ASN A 298 -18.30 -8.76 6.14
CA ASN A 298 -19.35 -7.75 6.04
C ASN A 298 -19.74 -7.47 4.58
N THR A 299 -20.88 -6.80 4.37
CA THR A 299 -21.44 -6.67 3.01
C THR A 299 -20.49 -5.99 2.00
N MET A 300 -19.85 -4.90 2.41
CA MET A 300 -19.04 -4.11 1.49
C MET A 300 -17.92 -4.95 0.86
N LEU A 301 -17.27 -5.76 1.67
CA LEU A 301 -16.21 -6.59 1.15
C LEU A 301 -16.82 -7.71 0.34
N ALA A 302 -17.95 -8.27 0.80
CA ALA A 302 -18.52 -9.47 0.17
C ALA A 302 -18.82 -9.20 -1.28
N LYS A 303 -19.19 -7.95 -1.56
CA LYS A 303 -19.55 -7.55 -2.91
C LYS A 303 -18.35 -7.38 -3.81
N VAL A 304 -17.31 -6.71 -3.31
CA VAL A 304 -16.04 -6.62 -4.07
C VAL A 304 -15.58 -8.03 -4.44
N CYS A 305 -15.69 -8.93 -3.46
CA CYS A 305 -15.23 -10.31 -3.62
C CYS A 305 -16.02 -11.11 -4.63
N SER A 306 -17.32 -10.81 -4.77
CA SER A 306 -18.19 -11.59 -5.65
C SER A 306 -17.81 -11.37 -7.09
N ASP A 307 -17.06 -10.30 -7.35
CA ASP A 307 -16.52 -10.01 -8.69
C ASP A 307 -15.08 -10.47 -8.91
N LYS A 308 -14.32 -10.70 -7.84
CA LYS A 308 -12.91 -11.08 -8.00
C LYS A 308 -12.76 -12.31 -8.87
N ASN A 309 -13.73 -13.23 -8.85
CA ASN A 309 -13.71 -14.47 -9.69
C ASN A 309 -14.86 -14.76 -10.67
N LYS A 310 -15.58 -13.72 -11.13
CA LYS A 310 -16.64 -13.92 -12.12
C LYS A 310 -16.01 -14.28 -13.43
N PRO A 311 -16.73 -15.03 -14.25
CA PRO A 311 -18.00 -15.65 -13.88
C PRO A 311 -17.78 -17.05 -13.37
N ASN A 312 -18.75 -17.53 -12.63
CA ASN A 312 -18.76 -18.88 -12.09
C ASN A 312 -17.52 -19.20 -11.26
N GLY A 313 -17.35 -18.44 -10.17
CA GLY A 313 -16.29 -18.66 -9.19
C GLY A 313 -16.62 -17.90 -7.90
N GLN A 314 -15.74 -18.00 -6.92
CA GLN A 314 -15.97 -17.30 -5.65
C GLN A 314 -14.69 -16.94 -4.95
N TYR A 315 -14.79 -16.01 -4.02
CA TYR A 315 -13.62 -15.49 -3.31
C TYR A 315 -13.98 -15.21 -1.87
N GLN A 316 -13.09 -15.61 -0.96
CA GLN A 316 -13.25 -15.32 0.45
C GLN A 316 -12.11 -14.46 1.02
N ILE A 317 -12.50 -13.57 1.93
CA ILE A 317 -11.62 -12.91 2.86
C ILE A 317 -11.94 -13.59 4.18
N LEU A 318 -10.95 -14.23 4.79
CA LEU A 318 -11.16 -14.93 6.09
C LEU A 318 -11.45 -13.93 7.23
N PRO A 319 -12.13 -14.38 8.27
CA PRO A 319 -12.72 -13.41 9.19
C PRO A 319 -11.75 -12.94 10.24
N ASN A 320 -10.69 -12.26 9.83
CA ASN A 320 -9.74 -11.71 10.78
C ASN A 320 -9.25 -10.37 10.27
N ARG A 321 -8.89 -9.47 11.19
CA ARG A 321 -8.59 -8.11 10.77
C ARG A 321 -7.60 -8.14 9.63
N GLN A 322 -6.49 -8.84 9.83
CA GLN A 322 -5.44 -8.74 8.87
C GLN A 322 -5.89 -9.15 7.46
N ALA A 323 -6.55 -10.31 7.33
CA ALA A 323 -7.13 -10.76 6.05
C ALA A 323 -7.80 -9.61 5.32
N VAL A 324 -8.75 -8.99 6.03
CA VAL A 324 -9.45 -7.82 5.54
C VAL A 324 -8.35 -6.91 5.09
N MET A 325 -7.46 -6.55 6.01
CA MET A 325 -6.48 -5.50 5.74
C MET A 325 -5.61 -5.78 4.50
N ASP A 326 -5.22 -7.04 4.33
CA ASP A 326 -4.44 -7.48 3.18
C ASP A 326 -5.18 -7.30 1.87
N PHE A 327 -6.50 -7.45 1.89
CA PHE A 327 -7.32 -7.34 0.71
C PHE A 327 -7.37 -5.91 0.27
N ILE A 328 -8.09 -5.10 1.04
CA ILE A 328 -8.10 -3.62 0.98
C ILE A 328 -6.83 -2.87 0.52
N LYS A 329 -5.68 -3.28 1.03
CA LYS A 329 -4.38 -2.56 0.85
C LYS A 329 -4.18 -1.86 -0.49
N ASP A 330 -4.43 -2.60 -1.56
CA ASP A 330 -4.18 -2.12 -2.91
C ASP A 330 -5.45 -2.10 -3.75
N LEU A 331 -6.59 -2.25 -3.09
CA LEU A 331 -7.87 -2.33 -3.76
C LEU A 331 -8.17 -0.95 -4.25
N PRO A 332 -8.33 -0.79 -5.58
CA PRO A 332 -8.64 0.50 -6.12
C PRO A 332 -9.98 0.95 -5.64
N ILE A 333 -10.01 2.16 -5.11
CA ILE A 333 -11.16 2.77 -4.50
C ILE A 333 -12.46 2.68 -5.33
N ARG A 334 -12.29 2.63 -6.64
CA ARG A 334 -13.42 2.53 -7.57
C ARG A 334 -14.10 1.16 -7.58
N LYS A 335 -13.42 0.15 -7.06
CA LYS A 335 -14.00 -1.17 -7.00
C LYS A 335 -15.02 -1.26 -5.90
N VAL A 336 -15.14 -0.21 -5.08
CA VAL A 336 -16.08 -0.25 -3.95
C VAL A 336 -17.46 0.26 -4.37
N SER A 337 -18.52 -0.39 -3.87
CA SER A 337 -19.89 -0.06 -4.29
C SER A 337 -20.29 1.24 -3.69
N GLY A 338 -20.50 2.24 -4.54
CA GLY A 338 -20.91 3.56 -4.07
C GLY A 338 -19.96 4.66 -4.51
N ILE A 339 -18.71 4.31 -4.80
CA ILE A 339 -17.74 5.22 -5.37
C ILE A 339 -17.90 5.12 -6.86
N GLY A 340 -18.32 6.21 -7.51
CA GLY A 340 -18.55 6.19 -8.96
C GLY A 340 -17.44 6.80 -9.80
N LYS A 341 -17.79 7.27 -11.00
CA LYS A 341 -16.80 7.77 -11.97
C LYS A 341 -16.32 9.13 -11.50
N VAL A 342 -17.25 9.92 -10.97
CA VAL A 342 -16.95 11.27 -10.49
C VAL A 342 -16.07 11.22 -9.23
N THR A 343 -16.56 10.57 -8.15
CA THR A 343 -15.78 10.52 -6.90
C THR A 343 -14.39 10.00 -7.16
N GLU A 344 -14.28 8.97 -7.98
CA GLU A 344 -12.98 8.47 -8.40
C GLU A 344 -12.11 9.61 -8.89
N LYS A 345 -12.59 10.33 -9.90
CA LYS A 345 -11.77 11.40 -10.49
C LYS A 345 -11.43 12.46 -9.43
N MET A 346 -12.41 12.90 -8.67
CA MET A 346 -12.15 13.90 -7.64
C MET A 346 -11.04 13.45 -6.66
N LEU A 347 -11.09 12.19 -6.22
CA LEU A 347 -10.08 11.69 -5.30
C LEU A 347 -8.79 11.44 -6.05
N LYS A 348 -8.83 10.91 -7.26
CA LYS A 348 -7.58 10.71 -7.99
C LYS A 348 -6.83 12.03 -8.07
N ALA A 349 -7.59 13.11 -8.06
CA ALA A 349 -7.01 14.45 -8.12
C ALA A 349 -6.19 14.77 -6.89
N LEU A 350 -6.61 14.27 -5.74
CA LEU A 350 -5.89 14.41 -4.48
C LEU A 350 -4.79 13.38 -4.25
N GLY A 351 -4.46 12.57 -5.26
CA GLY A 351 -3.50 11.47 -5.09
C GLY A 351 -4.00 10.16 -4.47
N ILE A 352 -5.31 9.90 -4.62
CA ILE A 352 -5.96 8.73 -4.05
C ILE A 352 -6.49 7.74 -5.11
N ILE A 353 -5.91 6.56 -5.11
CA ILE A 353 -6.26 5.51 -6.04
C ILE A 353 -6.60 4.23 -5.28
N THR A 354 -5.79 3.83 -4.29
CA THR A 354 -5.99 2.61 -3.53
C THR A 354 -6.54 2.90 -2.13
N CYS A 355 -7.22 1.94 -1.54
CA CYS A 355 -7.78 2.06 -0.20
C CYS A 355 -6.76 2.40 0.87
N THR A 356 -5.48 2.17 0.58
CA THR A 356 -4.44 2.54 1.54
C THR A 356 -4.32 4.05 1.51
N GLU A 357 -4.10 4.60 0.31
CA GLU A 357 -4.04 6.05 0.12
C GLU A 357 -5.30 6.75 0.70
N LEU A 358 -6.45 6.10 0.63
CA LEU A 358 -7.66 6.70 1.17
C LEU A 358 -7.59 6.85 2.70
N TYR A 359 -7.03 5.86 3.36
CA TYR A 359 -6.93 5.90 4.80
C TYR A 359 -5.86 6.90 5.27
N GLN A 360 -4.79 7.01 4.50
CA GLN A 360 -3.74 7.92 4.94
CA GLN A 360 -3.69 7.94 4.74
C GLN A 360 -4.14 9.39 4.79
N GLN A 361 -5.15 9.72 3.96
CA GLN A 361 -5.61 11.12 3.84
C GLN A 361 -6.86 11.44 4.64
N ARG A 362 -7.15 10.63 5.65
CA ARG A 362 -8.36 10.84 6.46
C ARG A 362 -8.39 12.23 7.09
N ALA A 363 -7.21 12.82 7.32
CA ALA A 363 -7.07 14.21 7.73
C ALA A 363 -7.81 15.15 6.78
N LEU A 364 -7.24 15.33 5.58
CA LEU A 364 -7.80 16.19 4.51
C LEU A 364 -9.29 15.94 4.31
N LEU A 365 -9.65 14.68 4.08
CA LEU A 365 -11.00 14.29 3.70
C LEU A 365 -12.08 14.88 4.58
N SER A 366 -11.80 14.99 5.88
CA SER A 366 -12.80 15.45 6.85
C SER A 366 -13.02 16.96 6.79
N LEU A 367 -12.15 17.64 6.06
CA LEU A 367 -12.23 19.09 5.84
C LEU A 367 -12.40 19.48 4.37
N LEU A 368 -12.53 18.51 3.47
CA LEU A 368 -12.88 18.84 2.09
C LEU A 368 -14.26 18.29 1.70
N PHE A 369 -14.79 17.33 2.46
CA PHE A 369 -15.98 16.64 2.05
C PHE A 369 -17.04 16.69 3.13
N SER A 370 -18.30 16.64 2.70
CA SER A 370 -19.43 16.54 3.62
C SER A 370 -19.12 15.57 4.73
N GLU A 371 -19.60 15.84 5.94
CA GLU A 371 -19.43 14.87 7.05
C GLU A 371 -19.78 13.41 6.64
N THR A 372 -20.79 13.22 5.81
CA THR A 372 -21.28 11.88 5.40
C THR A 372 -20.37 11.17 4.40
N SER A 373 -19.73 11.94 3.54
CA SER A 373 -18.79 11.39 2.60
C SER A 373 -17.51 10.89 3.27
N TRP A 374 -16.97 11.62 4.23
CA TRP A 374 -15.72 11.17 4.85
C TRP A 374 -16.00 10.06 5.85
N HIS A 375 -17.08 10.17 6.62
CA HIS A 375 -17.53 9.05 7.46
C HIS A 375 -17.57 7.78 6.64
N TYR A 376 -18.09 7.90 5.44
CA TYR A 376 -18.24 6.77 4.54
C TYR A 376 -16.86 6.33 4.03
N PHE A 377 -16.14 7.22 3.35
CA PHE A 377 -14.75 6.95 2.96
C PHE A 377 -13.90 6.28 4.05
N LEU A 378 -14.02 6.73 5.29
CA LEU A 378 -13.19 6.17 6.36
C LEU A 378 -13.51 4.71 6.54
N HIS A 379 -14.81 4.39 6.63
CA HIS A 379 -15.27 3.00 6.73
C HIS A 379 -14.57 2.13 5.70
N ILE A 380 -14.63 2.55 4.44
CA ILE A 380 -14.06 1.76 3.36
C ILE A 380 -12.57 1.60 3.60
N SER A 381 -11.87 2.71 3.83
CA SER A 381 -10.43 2.68 4.05
C SER A 381 -9.97 1.68 5.15
N LEU A 382 -10.75 1.57 6.22
CA LEU A 382 -10.51 0.56 7.27
C LEU A 382 -11.14 -0.83 7.02
N GLY A 383 -11.81 -1.03 5.88
CA GLY A 383 -12.49 -2.32 5.59
C GLY A 383 -13.73 -2.69 6.40
N LEU A 384 -14.42 -1.69 6.92
CA LEU A 384 -15.65 -1.92 7.65
C LEU A 384 -16.79 -1.97 6.69
N GLY A 385 -17.91 -2.54 7.10
CA GLY A 385 -19.14 -2.57 6.29
C GLY A 385 -20.30 -3.04 7.13
N SER A 386 -21.40 -3.46 6.52
CA SER A 386 -22.55 -3.92 7.32
C SER A 386 -22.36 -5.37 7.69
N THR A 387 -22.72 -5.71 8.91
CA THR A 387 -22.69 -7.09 9.38
C THR A 387 -24.12 -7.62 9.58
N HIS A 388 -25.10 -6.80 9.22
CA HIS A 388 -26.48 -7.06 9.56
C HIS A 388 -27.40 -6.60 8.43
N LEU A 389 -28.05 -7.57 7.78
CA LEU A 389 -28.92 -7.30 6.66
C LEU A 389 -30.25 -6.71 7.17
N THR A 390 -30.39 -5.39 7.04
CA THR A 390 -31.58 -4.64 7.47
C THR A 390 -32.89 -5.33 7.19
N ARG A 391 -33.01 -5.88 5.97
CA ARG A 391 -34.28 -6.43 5.44
C ARG A 391 -35.44 -5.40 5.59
N ASP A 392 -35.10 -4.14 5.32
CA ASP A 392 -36.04 -3.03 5.28
C ASP A 392 -36.96 -3.12 4.03
N GLY A 393 -37.41 -1.98 3.50
CA GLY A 393 -38.22 -1.93 2.29
C GLY A 393 -39.09 -0.70 2.26
N GLU A 394 -40.24 -0.80 1.59
CA GLU A 394 -41.16 0.32 1.40
C GLU A 394 -40.57 1.28 0.35
N ARG A 395 -41.33 1.56 -0.70
CA ARG A 395 -40.87 2.38 -1.83
C ARG A 395 -41.04 3.91 -1.59
N LYS A 396 -39.99 4.66 -1.95
CA LYS A 396 -39.97 6.11 -1.81
C LYS A 396 -40.71 6.79 -2.97
N SER A 397 -40.56 6.25 -4.18
CA SER A 397 -41.20 6.82 -5.39
C SER A 397 -41.54 5.75 -6.44
N MET A 398 -42.36 6.14 -7.41
CA MET A 398 -42.55 5.34 -8.63
C MET A 398 -42.50 6.24 -9.85
N SER A 399 -41.92 5.74 -10.94
CA SER A 399 -41.58 6.59 -12.09
C SER A 399 -41.80 5.90 -13.43
N VAL A 400 -42.13 6.69 -14.43
CA VAL A 400 -42.21 6.22 -15.81
C VAL A 400 -41.63 7.31 -16.71
N GLU A 401 -40.67 6.93 -17.55
CA GLU A 401 -40.02 7.87 -18.44
C GLU A 401 -39.69 7.20 -19.77
N ARG A 402 -39.51 8.00 -20.80
CA ARG A 402 -39.35 7.42 -22.12
C ARG A 402 -38.57 8.35 -23.04
N THR A 403 -37.58 7.79 -23.74
CA THR A 403 -36.81 8.55 -24.70
C THR A 403 -37.30 8.14 -26.05
N PHE A 404 -37.32 9.10 -26.97
CA PHE A 404 -37.95 8.95 -28.27
C PHE A 404 -37.33 9.86 -29.32
N SER A 405 -37.50 9.47 -30.56
CA SER A 405 -37.14 10.32 -31.67
C SER A 405 -37.77 11.70 -31.46
N GLU A 406 -37.03 12.77 -31.74
CA GLU A 406 -37.42 14.14 -31.34
C GLU A 406 -38.90 14.50 -31.42
N ILE A 407 -39.38 15.26 -30.43
CA ILE A 407 -40.73 15.85 -30.43
C ILE A 407 -40.74 17.31 -29.98
N ASN A 408 -41.10 18.21 -30.89
CA ASN A 408 -41.08 19.65 -30.60
C ASN A 408 -42.48 20.27 -30.64
N LYS A 409 -43.48 19.45 -30.94
CA LYS A 409 -44.84 19.94 -31.11
C LYS A 409 -45.64 19.78 -29.81
N ALA A 410 -45.91 20.91 -29.16
CA ALA A 410 -46.68 20.97 -27.91
C ALA A 410 -47.92 20.10 -27.92
N GLU A 411 -48.52 19.91 -29.09
CA GLU A 411 -49.74 19.11 -29.22
C GLU A 411 -49.49 17.67 -28.79
N GLU A 412 -48.29 17.17 -29.09
CA GLU A 412 -47.92 15.80 -28.77
C GLU A 412 -47.24 15.72 -27.43
N GLN A 413 -46.37 16.68 -27.15
CA GLN A 413 -45.78 16.81 -25.82
C GLN A 413 -46.89 16.64 -24.77
N TYR A 414 -48.02 17.30 -24.94
CA TYR A 414 -49.13 17.18 -23.98
C TYR A 414 -49.75 15.78 -23.91
N SER A 415 -49.84 15.13 -25.06
CA SER A 415 -50.48 13.80 -25.14
C SER A 415 -49.54 12.66 -24.74
N LEU A 416 -48.24 12.90 -24.89
CA LEU A 416 -47.23 11.99 -24.40
C LEU A 416 -47.27 12.00 -22.88
N CYS A 417 -47.28 13.21 -22.31
CA CYS A 417 -47.40 13.37 -20.85
C CYS A 417 -48.61 12.65 -20.28
N GLN A 418 -49.68 12.60 -21.08
CA GLN A 418 -50.91 11.88 -20.74
C GLN A 418 -50.73 10.35 -20.77
N GLU A 419 -50.22 9.81 -21.87
CA GLU A 419 -49.92 8.36 -21.94
C GLU A 419 -48.98 7.97 -20.80
N LEU A 420 -48.06 8.87 -20.46
CA LEU A 420 -47.17 8.60 -19.35
C LEU A 420 -47.99 8.63 -18.07
N CYS A 421 -48.47 9.80 -17.66
CA CYS A 421 -49.26 9.89 -16.43
C CYS A 421 -50.18 8.70 -16.30
N SER A 422 -50.86 8.38 -17.40
CA SER A 422 -51.80 7.26 -17.43
C SER A 422 -51.14 5.92 -17.16
N GLU A 423 -50.05 5.63 -17.87
CA GLU A 423 -49.29 4.40 -17.61
C GLU A 423 -48.78 4.30 -16.18
N LEU A 424 -48.32 5.43 -15.63
CA LEU A 424 -47.81 5.48 -14.26
C LEU A 424 -48.90 5.04 -13.33
N ALA A 425 -50.07 5.67 -13.45
CA ALA A 425 -51.22 5.32 -12.63
C ALA A 425 -51.43 3.81 -12.51
N GLN A 426 -51.43 3.09 -13.63
CA GLN A 426 -51.64 1.64 -13.60
C GLN A 426 -50.60 0.88 -12.80
N ASP A 427 -49.32 1.20 -13.02
CA ASP A 427 -48.22 0.59 -12.26
C ASP A 427 -48.44 0.88 -10.77
N LEU A 428 -48.69 2.17 -10.48
CA LEU A 428 -48.95 2.65 -9.14
C LEU A 428 -50.14 1.93 -8.56
N GLN A 429 -51.09 1.60 -9.42
CA GLN A 429 -52.31 0.88 -9.03
C GLN A 429 -52.00 -0.54 -8.54
N LYS A 430 -51.13 -1.26 -9.24
CA LYS A 430 -50.85 -2.67 -8.90
C LYS A 430 -50.24 -2.84 -7.51
N GLU A 431 -49.68 -1.78 -6.94
CA GLU A 431 -49.18 -1.82 -5.56
C GLU A 431 -50.19 -1.18 -4.64
N ARG A 432 -51.34 -0.82 -5.22
CA ARG A 432 -52.36 0.02 -4.59
C ARG A 432 -51.74 1.15 -3.76
N LEU A 433 -50.92 1.95 -4.43
CA LEU A 433 -50.20 3.04 -3.77
C LEU A 433 -50.77 4.40 -4.18
N LYS A 434 -50.80 5.33 -3.22
CA LYS A 434 -51.24 6.71 -3.50
C LYS A 434 -50.18 7.68 -2.99
N GLY A 435 -50.09 8.87 -3.61
CA GLY A 435 -48.99 9.76 -3.32
C GLY A 435 -49.24 11.23 -3.59
N ARG A 436 -48.54 12.07 -2.83
CA ARG A 436 -48.75 13.53 -2.81
C ARG A 436 -47.92 14.32 -3.82
N THR A 437 -46.70 13.88 -4.13
CA THR A 437 -45.80 14.65 -5.00
C THR A 437 -45.72 14.10 -6.42
N VAL A 438 -45.52 15.02 -7.35
CA VAL A 438 -45.53 14.75 -8.76
C VAL A 438 -44.45 15.59 -9.41
N THR A 439 -43.62 14.92 -10.18
CA THR A 439 -42.49 15.56 -10.82
C THR A 439 -42.46 15.17 -12.28
N ILE A 440 -42.31 16.16 -13.16
CA ILE A 440 -42.04 15.81 -14.55
C ILE A 440 -40.56 16.04 -14.77
N LYS A 441 -40.06 15.44 -15.86
CA LYS A 441 -38.65 15.43 -16.19
C LYS A 441 -38.56 15.49 -17.70
N LEU A 442 -38.05 16.60 -18.23
CA LEU A 442 -37.92 16.78 -19.67
C LEU A 442 -36.45 16.81 -19.98
N LYS A 443 -36.07 16.37 -21.16
CA LYS A 443 -34.68 16.41 -21.60
C LYS A 443 -34.57 16.99 -23.00
N ASN A 444 -33.79 18.04 -23.16
CA ASN A 444 -33.55 18.64 -24.48
C ASN A 444 -33.09 17.63 -25.47
N VAL A 445 -32.99 18.10 -26.69
CA VAL A 445 -32.31 17.40 -27.75
C VAL A 445 -30.80 17.34 -27.50
N ASN A 446 -30.30 18.23 -26.65
CA ASN A 446 -28.89 18.27 -26.22
C ASN A 446 -28.62 17.55 -24.88
N PHE A 447 -29.54 16.72 -24.43
CA PHE A 447 -29.33 15.95 -23.21
C PHE A 447 -29.30 16.74 -21.90
N GLU A 448 -29.56 18.04 -21.94
CA GLU A 448 -29.74 18.80 -20.69
C GLU A 448 -31.07 18.39 -20.07
N VAL A 449 -31.08 18.17 -18.78
CA VAL A 449 -32.30 17.70 -18.12
C VAL A 449 -32.87 18.74 -17.15
N LYS A 450 -34.17 18.98 -17.26
CA LYS A 450 -34.87 19.86 -16.36
C LYS A 450 -35.69 18.96 -15.46
N THR A 451 -36.13 19.47 -14.33
CA THR A 451 -36.94 18.67 -13.42
C THR A 451 -37.82 19.56 -12.55
N ARG A 452 -39.12 19.47 -12.74
CA ARG A 452 -40.06 20.38 -12.07
C ARG A 452 -41.04 19.61 -11.21
N ALA A 453 -41.12 19.97 -9.94
CA ALA A 453 -41.91 19.20 -9.00
C ALA A 453 -43.14 19.96 -8.57
N SER A 454 -44.09 19.25 -7.98
CA SER A 454 -45.24 19.88 -7.32
C SER A 454 -45.94 18.88 -6.39
N THR A 455 -46.14 19.25 -5.14
CA THR A 455 -46.94 18.43 -4.24
C THR A 455 -48.11 19.23 -3.73
N VAL A 456 -49.27 18.58 -3.71
CA VAL A 456 -50.55 19.24 -3.42
C VAL A 456 -50.84 19.32 -1.88
N SER A 457 -51.48 18.27 -1.35
CA SER A 457 -51.83 18.14 0.10
C SER A 457 -52.96 17.14 0.30
N SER A 458 -53.61 16.72 -0.79
CA SER A 458 -54.52 15.59 -0.76
C SER A 458 -53.69 14.28 -0.89
N VAL A 459 -53.77 13.64 -2.06
CA VAL A 459 -52.97 12.48 -2.38
C VAL A 459 -52.88 12.45 -3.90
N VAL A 460 -53.82 11.78 -4.58
CA VAL A 460 -53.86 11.66 -6.06
C VAL A 460 -53.31 10.31 -6.48
N SER A 461 -53.98 9.66 -7.42
CA SER A 461 -53.73 8.26 -7.74
C SER A 461 -53.94 7.91 -9.23
N THR A 462 -55.12 8.22 -9.78
CA THR A 462 -55.40 7.87 -11.19
C THR A 462 -54.83 8.81 -12.25
N ALA A 463 -54.85 8.33 -13.49
CA ALA A 463 -54.37 9.08 -14.63
C ALA A 463 -54.84 10.52 -14.58
N GLU A 464 -56.15 10.71 -14.62
CA GLU A 464 -56.78 12.04 -14.83
C GLU A 464 -56.34 13.07 -13.80
N GLU A 465 -56.24 12.62 -12.55
CA GLU A 465 -55.87 13.51 -11.45
C GLU A 465 -54.36 13.79 -11.42
N ILE A 466 -53.56 12.78 -11.74
CA ILE A 466 -52.10 12.92 -11.78
C ILE A 466 -51.66 13.70 -13.03
N PHE A 467 -52.33 13.46 -14.15
CA PHE A 467 -52.13 14.26 -15.38
C PHE A 467 -52.53 15.70 -15.13
N ALA A 468 -53.49 15.91 -14.24
CA ALA A 468 -54.00 17.24 -13.88
C ALA A 468 -52.89 18.17 -13.49
N ILE A 469 -51.92 17.63 -12.75
CA ILE A 469 -50.83 18.40 -12.16
C ILE A 469 -49.62 18.46 -13.11
N ALA A 470 -49.37 17.34 -13.79
CA ALA A 470 -48.29 17.23 -14.76
C ALA A 470 -48.59 18.06 -16.01
N LYS A 471 -49.87 18.12 -16.38
CA LYS A 471 -50.31 18.95 -17.50
C LYS A 471 -49.77 20.35 -17.26
N GLU A 472 -49.97 20.83 -16.04
CA GLU A 472 -49.67 22.22 -15.68
C GLU A 472 -48.17 22.52 -15.66
N LEU A 473 -47.42 21.62 -15.02
CA LEU A 473 -45.96 21.76 -14.91
C LEU A 473 -45.33 21.85 -16.30
N LEU A 474 -45.77 20.96 -17.20
CA LEU A 474 -45.35 21.01 -18.59
C LEU A 474 -45.63 22.36 -19.22
N LYS A 475 -46.87 22.86 -19.05
CA LYS A 475 -47.27 24.15 -19.64
C LYS A 475 -46.32 25.29 -19.24
N THR A 476 -45.95 25.35 -17.95
CA THR A 476 -45.06 26.42 -17.42
C THR A 476 -43.71 26.47 -18.12
N GLU A 477 -43.20 25.31 -18.52
CA GLU A 477 -41.92 25.23 -19.21
C GLU A 477 -42.06 25.51 -20.70
N ILE A 478 -43.18 25.10 -21.30
CA ILE A 478 -43.39 25.47 -22.68
C ILE A 478 -43.43 26.99 -22.73
N ASP A 479 -44.18 27.57 -21.79
CA ASP A 479 -44.36 29.04 -21.66
C ASP A 479 -43.04 29.70 -21.40
N ALA A 480 -42.30 29.20 -20.42
CA ALA A 480 -40.99 29.75 -20.06
C ALA A 480 -40.01 29.92 -21.24
N ASP A 481 -40.19 29.13 -22.31
CA ASP A 481 -39.28 29.14 -23.47
C ASP A 481 -39.93 29.71 -24.73
N PHE A 482 -41.21 30.08 -24.63
CA PHE A 482 -41.98 30.65 -25.76
C PHE A 482 -41.27 31.90 -26.27
N PRO A 483 -41.34 32.18 -27.56
CA PRO A 483 -42.01 31.50 -28.65
C PRO A 483 -41.41 30.13 -29.00
N HIS A 484 -40.15 29.90 -28.65
CA HIS A 484 -39.44 28.67 -29.02
C HIS A 484 -40.01 27.42 -28.34
N PRO A 485 -40.38 26.40 -29.14
CA PRO A 485 -40.92 25.22 -28.49
C PRO A 485 -39.77 24.40 -27.92
N LEU A 486 -40.11 23.45 -27.05
CA LEU A 486 -39.15 22.61 -26.37
C LEU A 486 -38.80 21.41 -27.24
N ARG A 487 -37.55 21.32 -27.71
CA ARG A 487 -37.14 20.15 -28.48
C ARG A 487 -36.74 19.02 -27.53
N LEU A 488 -37.59 18.00 -27.50
CA LEU A 488 -37.47 16.93 -26.52
C LEU A 488 -37.07 15.60 -27.14
N ARG A 489 -36.19 14.88 -26.42
CA ARG A 489 -35.94 13.45 -26.66
C ARG A 489 -36.45 12.58 -25.54
N LEU A 490 -36.69 13.16 -24.36
CA LEU A 490 -37.12 12.37 -23.22
C LEU A 490 -38.12 13.13 -22.39
N MET A 491 -39.07 12.40 -21.84
CA MET A 491 -39.99 12.95 -20.88
C MET A 491 -40.27 11.85 -19.88
N GLY A 492 -40.63 12.26 -18.67
CA GLY A 492 -40.93 11.31 -17.61
C GLY A 492 -41.67 11.93 -16.46
N VAL A 493 -42.39 11.10 -15.72
CA VAL A 493 -43.26 11.54 -14.64
C VAL A 493 -43.10 10.64 -13.40
N ARG A 494 -42.83 11.27 -12.25
CA ARG A 494 -42.50 10.57 -11.00
C ARG A 494 -43.43 11.00 -9.88
N ILE A 495 -44.18 10.04 -9.35
CA ILE A 495 -44.99 10.26 -8.15
C ILE A 495 -44.16 9.84 -6.94
N SER A 496 -44.35 10.52 -5.81
CA SER A 496 -43.55 10.28 -4.60
C SER A 496 -44.26 10.76 -3.32
N SER A 497 -43.53 10.76 -2.20
CA SER A 497 -44.03 11.14 -0.86
C SER A 497 -45.38 10.50 -0.52
N PHE A 498 -45.34 9.18 -0.35
CA PHE A 498 -46.51 8.34 -0.07
C PHE A 498 -46.78 8.33 1.44
N PRO A 499 -48.04 8.08 1.86
CA PRO A 499 -48.46 8.38 3.24
C PRO A 499 -47.47 7.91 4.31
N ASN A 500 -47.26 6.59 4.44
CA ASN A 500 -46.23 6.03 5.33
C ASN A 500 -46.71 5.89 6.79
N ASN B 4 22.93 -12.62 -2.81
CA ASN B 4 23.57 -11.44 -2.13
C ASN B 4 22.61 -10.27 -1.92
N ASP B 5 23.09 -9.26 -1.20
CA ASP B 5 22.33 -8.03 -0.90
C ASP B 5 22.36 -7.05 -2.07
N ASN B 6 21.21 -6.92 -2.76
CA ASN B 6 21.01 -5.91 -3.80
C ASN B 6 20.73 -4.54 -3.15
N LYS B 7 21.71 -3.65 -3.18
CA LYS B 7 21.62 -2.38 -2.46
C LYS B 7 22.70 -1.38 -2.90
N ALA B 8 22.53 -0.13 -2.48
CA ALA B 8 23.52 0.93 -2.63
C ALA B 8 23.47 1.65 -4.01
N GLY B 9 23.45 0.88 -5.09
CA GLY B 9 23.36 1.43 -6.47
C GLY B 9 23.64 0.38 -7.54
N MET B 10 23.35 -0.88 -7.21
CA MET B 10 23.61 -2.03 -8.07
C MET B 10 22.37 -2.22 -8.91
N GLU B 11 22.33 -1.51 -10.04
CA GLU B 11 21.12 -1.28 -10.87
C GLU B 11 20.06 -2.44 -10.98
N GLY B 12 20.04 -3.15 -12.11
CA GLY B 12 19.17 -4.31 -12.32
C GLY B 12 20.00 -5.47 -12.86
N LEU B 13 20.69 -6.14 -11.95
CA LEU B 13 21.75 -7.13 -12.25
C LEU B 13 21.19 -8.47 -12.73
N ASP B 14 22.07 -9.27 -13.35
CA ASP B 14 21.80 -10.67 -13.61
C ASP B 14 22.08 -11.47 -12.34
N LYS B 15 21.14 -11.39 -11.39
CA LYS B 15 21.23 -12.08 -10.10
C LYS B 15 21.38 -13.60 -10.28
N GLU B 16 20.85 -14.12 -11.39
CA GLU B 16 20.98 -15.55 -11.75
C GLU B 16 22.43 -15.98 -11.78
N LYS B 17 23.21 -15.37 -12.68
CA LYS B 17 24.64 -15.67 -12.82
C LYS B 17 25.40 -15.42 -11.52
N ILE B 18 25.30 -14.19 -10.99
CA ILE B 18 26.08 -13.74 -9.81
C ILE B 18 25.96 -14.67 -8.60
N ASN B 19 24.75 -15.08 -8.28
CA ASN B 19 24.53 -15.95 -7.13
C ASN B 19 25.12 -17.34 -7.37
N LYS B 20 25.08 -17.79 -8.63
CA LYS B 20 25.68 -19.06 -9.03
C LYS B 20 27.17 -19.12 -8.70
N ILE B 21 27.88 -18.08 -9.12
CA ILE B 21 29.33 -17.96 -8.93
C ILE B 21 29.71 -17.95 -7.45
N ILE B 22 28.94 -17.19 -6.65
CA ILE B 22 29.11 -17.11 -5.19
C ILE B 22 28.89 -18.45 -4.48
N MET B 23 27.84 -19.18 -4.85
CA MET B 23 27.59 -20.47 -4.22
C MET B 23 28.62 -21.51 -4.64
N GLU B 24 29.09 -21.41 -5.89
CA GLU B 24 30.21 -22.23 -6.34
C GLU B 24 31.40 -22.02 -5.38
N ALA B 25 31.73 -20.74 -5.17
CA ALA B 25 32.82 -20.30 -4.26
C ALA B 25 32.56 -20.49 -2.75
N THR B 26 31.31 -20.36 -2.31
CA THR B 26 30.93 -20.62 -0.91
C THR B 26 30.52 -22.10 -0.66
N LYS B 27 30.44 -22.85 -1.77
CA LYS B 27 30.38 -24.31 -1.80
C LYS B 27 30.06 -24.95 -0.46
N GLY B 28 31.07 -25.54 0.18
CA GLY B 28 30.91 -26.27 1.44
C GLY B 28 32.04 -25.92 2.39
N SER B 29 32.33 -24.62 2.48
CA SER B 29 33.34 -24.06 3.36
C SER B 29 32.86 -24.11 4.80
N ARG B 30 33.79 -23.91 5.73
CA ARG B 30 33.43 -23.84 7.14
C ARG B 30 32.60 -22.61 7.42
N PHE B 31 32.93 -21.51 6.72
CA PHE B 31 32.14 -20.29 6.79
C PHE B 31 30.68 -20.62 6.54
N TYR B 32 30.40 -21.12 5.33
CA TYR B 32 29.06 -21.54 4.89
C TYR B 32 28.37 -22.48 5.88
N GLY B 33 29.13 -23.43 6.42
CA GLY B 33 28.59 -24.35 7.39
C GLY B 33 27.95 -23.62 8.54
N ASN B 34 28.70 -22.69 9.11
CA ASN B 34 28.25 -21.88 10.23
C ASN B 34 27.05 -21.01 9.82
N GLU B 35 27.12 -20.41 8.62
CA GLU B 35 25.99 -19.64 8.10
C GLU B 35 24.71 -20.46 8.04
N LEU B 36 24.84 -21.74 7.75
CA LEU B 36 23.74 -22.69 7.78
C LEU B 36 23.21 -22.89 9.20
N LYS B 37 24.10 -22.91 10.18
CA LYS B 37 23.72 -23.11 11.58
C LYS B 37 22.97 -21.89 12.06
N LYS B 38 23.39 -20.72 11.60
CA LYS B 38 22.71 -19.49 11.97
C LYS B 38 21.36 -19.41 11.29
N GLU B 39 21.34 -19.73 10.00
CA GLU B 39 20.10 -19.78 9.20
C GLU B 39 19.05 -20.64 9.89
N LYS B 40 19.51 -21.74 10.47
CA LYS B 40 18.66 -22.62 11.23
C LYS B 40 18.20 -22.01 12.55
N GLN B 41 19.08 -21.29 13.26
CA GLN B 41 18.67 -20.66 14.53
C GLN B 41 17.59 -19.58 14.28
N VAL B 42 17.68 -18.88 13.15
CA VAL B 42 16.71 -17.80 12.86
C VAL B 42 15.37 -18.47 12.63
N ASN B 43 15.36 -19.53 11.83
CA ASN B 43 14.15 -20.26 11.54
C ASN B 43 13.53 -20.81 12.79
N GLN B 44 14.37 -21.27 13.71
CA GLN B 44 13.84 -21.73 14.97
C GLN B 44 13.17 -20.59 15.70
N ARG B 45 13.86 -19.47 15.77
CA ARG B 45 13.31 -18.24 16.32
C ARG B 45 11.92 -18.00 15.74
N ILE B 46 11.83 -17.97 14.41
CA ILE B 46 10.60 -17.63 13.72
C ILE B 46 9.51 -18.63 14.08
N GLU B 47 9.89 -19.91 14.08
CA GLU B 47 8.98 -20.99 14.42
C GLU B 47 8.31 -20.73 15.78
N ASN B 48 9.10 -20.32 16.77
CA ASN B 48 8.56 -19.99 18.10
C ASN B 48 7.63 -18.83 18.03
N MET B 49 7.98 -17.87 17.17
CA MET B 49 7.18 -16.66 17.06
C MET B 49 5.79 -17.04 16.57
N MET B 50 5.75 -17.83 15.49
CA MET B 50 4.47 -18.27 14.94
C MET B 50 3.71 -18.99 16.05
N GLN B 51 4.39 -19.88 16.73
CA GLN B 51 3.77 -20.66 17.78
C GLN B 51 3.14 -19.84 18.91
N GLN B 52 3.75 -18.70 19.23
CA GLN B 52 3.13 -17.76 20.15
C GLN B 52 1.94 -17.11 19.46
N LYS B 53 2.16 -16.58 18.25
CA LYS B 53 1.09 -15.95 17.48
C LYS B 53 -0.12 -16.83 17.63
N ALA B 54 0.06 -18.12 17.33
CA ALA B 54 -1.06 -19.05 17.25
C ALA B 54 -1.92 -19.15 18.49
N GLN B 55 -1.41 -18.69 19.63
CA GLN B 55 -2.13 -18.78 20.90
C GLN B 55 -2.54 -17.42 21.43
N ILE B 56 -2.44 -16.40 20.57
CA ILE B 56 -2.97 -15.08 20.85
C ILE B 56 -4.47 -15.15 20.54
N THR B 57 -5.30 -14.81 21.52
CA THR B 57 -6.75 -14.85 21.34
C THR B 57 -7.23 -13.63 20.61
N SER B 58 -8.41 -13.76 20.01
CA SER B 58 -9.02 -12.68 19.24
C SER B 58 -9.32 -11.46 20.11
N GLN B 59 -9.67 -11.74 21.36
CA GLN B 59 -9.89 -10.70 22.34
C GLN B 59 -8.58 -9.96 22.57
N GLN B 60 -7.50 -10.72 22.77
CA GLN B 60 -6.22 -10.13 23.13
C GLN B 60 -5.80 -9.16 22.03
N LEU B 61 -5.68 -9.68 20.81
CA LEU B 61 -5.31 -8.91 19.63
C LEU B 61 -6.11 -7.64 19.47
N ARG B 62 -7.38 -7.66 19.87
CA ARG B 62 -8.23 -6.49 19.77
C ARG B 62 -7.78 -5.42 20.76
N LYS B 63 -7.46 -5.85 21.99
CA LYS B 63 -7.05 -4.89 23.02
C LYS B 63 -5.73 -4.22 22.63
N ALA B 64 -4.83 -4.95 22.01
CA ALA B 64 -3.59 -4.37 21.55
C ALA B 64 -3.92 -3.26 20.54
N GLN B 65 -4.91 -3.49 19.69
CA GLN B 65 -5.34 -2.48 18.71
C GLN B 65 -5.69 -1.19 19.43
N LEU B 66 -6.56 -1.29 20.44
CA LEU B 66 -6.88 -0.16 21.31
C LEU B 66 -5.60 0.48 21.79
N GLN B 67 -4.82 -0.27 22.56
CA GLN B 67 -3.56 0.22 23.11
C GLN B 67 -2.72 0.95 22.05
N VAL B 68 -2.33 0.22 21.00
CA VAL B 68 -1.41 0.75 20.01
C VAL B 68 -2.00 1.97 19.32
N ASP B 69 -3.25 1.87 18.90
CA ASP B 69 -3.89 3.00 18.25
C ASP B 69 -3.89 4.27 19.11
N ARG B 70 -4.02 4.15 20.44
CA ARG B 70 -3.94 5.32 21.36
C ARG B 70 -2.53 5.88 21.31
N PHE B 71 -1.56 5.02 21.56
CA PHE B 71 -0.16 5.42 21.42
C PHE B 71 0.09 6.14 20.09
N ALA B 72 -0.35 5.50 19.00
CA ALA B 72 -0.15 5.98 17.63
C ALA B 72 -0.73 7.36 17.50
N MET B 73 -1.87 7.56 18.15
CA MET B 73 -2.57 8.82 18.10
C MET B 73 -1.71 9.95 18.66
N GLU B 74 -1.10 9.70 19.83
CA GLU B 74 -0.22 10.67 20.46
C GLU B 74 0.99 10.90 19.57
N LEU B 75 1.68 9.83 19.23
CA LEU B 75 2.78 9.94 18.27
C LEU B 75 2.44 10.88 17.11
N GLU B 76 1.20 10.84 16.63
CA GLU B 76 0.82 11.68 15.50
C GLU B 76 0.71 13.15 15.89
N GLN B 77 0.12 13.38 17.07
CA GLN B 77 -0.16 14.73 17.57
C GLN B 77 1.08 15.45 17.98
N SER B 78 2.16 14.71 18.21
CA SER B 78 3.47 15.29 18.46
C SER B 78 4.44 14.96 17.32
N ARG B 79 3.91 14.93 16.11
CA ARG B 79 4.74 14.77 14.92
C ARG B 79 5.37 16.08 14.53
N ASN B 80 6.69 16.12 14.43
CA ASN B 80 7.43 17.35 14.15
C ASN B 80 7.92 17.53 12.71
N LEU B 81 7.37 18.53 12.03
CA LEU B 81 7.77 18.79 10.65
C LEU B 81 8.48 20.14 10.52
N SER B 82 8.83 20.74 11.67
CA SER B 82 9.61 22.01 11.74
C SER B 82 11.03 21.96 11.13
N ASN B 83 11.73 20.85 11.34
CA ASN B 83 13.17 20.75 11.00
C ASN B 83 13.47 20.15 9.63
N THR B 84 14.63 20.53 9.10
CA THR B 84 15.13 20.03 7.83
C THR B 84 16.43 19.31 8.12
N ILE B 85 16.37 17.99 8.24
CA ILE B 85 17.56 17.19 8.47
C ILE B 85 18.09 16.71 7.13
N VAL B 86 19.37 16.91 6.89
CA VAL B 86 19.98 16.46 5.65
C VAL B 86 20.94 15.35 6.00
N HIS B 87 21.02 14.34 5.14
CA HIS B 87 22.03 13.31 5.28
C HIS B 87 22.98 13.53 4.12
N ILE B 88 24.29 13.57 4.37
CA ILE B 88 25.26 13.69 3.29
C ILE B 88 26.01 12.40 3.26
N ASP B 89 26.06 11.74 2.09
CA ASP B 89 26.75 10.45 1.96
C ASP B 89 27.63 10.45 0.74
N MET B 90 28.92 10.23 0.95
CA MET B 90 29.90 10.26 -0.12
C MET B 90 29.79 9.02 -1.00
N ASP B 91 29.74 9.26 -2.30
CA ASP B 91 29.56 8.21 -3.29
C ASP B 91 30.80 7.31 -3.38
N ALA B 92 30.63 6.01 -3.14
CA ALA B 92 31.68 5.01 -3.38
C ALA B 92 32.97 5.43 -2.71
N PHE B 93 32.86 5.93 -1.48
CA PHE B 93 33.97 6.61 -0.77
C PHE B 93 35.37 6.01 -1.03
N TYR B 94 35.85 5.06 -0.20
CA TYR B 94 37.24 4.62 -0.29
C TYR B 94 37.60 4.50 -1.76
N ALA B 95 36.85 3.67 -2.49
CA ALA B 95 37.14 3.46 -3.91
C ALA B 95 37.36 4.78 -4.65
N ALA B 96 36.56 5.80 -4.34
CA ALA B 96 36.67 7.15 -4.97
C ALA B 96 37.98 7.90 -4.65
N VAL B 97 38.31 8.05 -3.37
CA VAL B 97 39.59 8.64 -2.99
C VAL B 97 40.71 8.03 -3.82
N GLU B 98 40.72 6.71 -3.96
CA GLU B 98 41.77 6.01 -4.74
C GLU B 98 41.55 6.21 -6.26
N MET B 99 40.28 6.36 -6.66
CA MET B 99 39.93 6.68 -8.06
C MET B 99 40.60 8.00 -8.42
N ARG B 100 40.43 8.98 -7.55
CA ARG B 100 40.99 10.31 -7.72
C ARG B 100 42.52 10.24 -7.73
N ASP B 101 43.09 9.67 -6.65
CA ASP B 101 44.53 9.75 -6.39
C ASP B 101 45.40 9.02 -7.40
N ASN B 102 45.02 7.82 -7.82
CA ASN B 102 45.58 7.26 -9.05
C ASN B 102 44.54 7.43 -10.14
N PRO B 103 44.81 8.35 -11.08
CA PRO B 103 43.96 8.50 -12.28
C PRO B 103 43.97 7.33 -13.29
N GLU B 104 45.04 6.55 -13.34
CA GLU B 104 45.15 5.45 -14.32
C GLU B 104 43.90 4.57 -14.31
N LEU B 105 43.30 4.39 -13.13
CA LEU B 105 42.15 3.49 -12.96
C LEU B 105 40.77 4.18 -12.87
N LYS B 106 40.70 5.52 -13.03
CA LYS B 106 39.42 6.28 -13.00
C LYS B 106 38.32 5.73 -13.95
N ASP B 107 38.76 4.89 -14.91
CA ASP B 107 37.88 4.10 -15.79
C ASP B 107 38.29 2.62 -15.76
N LYS B 108 37.87 1.91 -14.70
CA LYS B 108 38.13 0.47 -14.57
C LYS B 108 37.32 -0.14 -13.40
N PRO B 109 37.09 -1.47 -13.41
CA PRO B 109 36.41 -2.11 -12.26
C PRO B 109 37.33 -2.22 -11.03
N ILE B 110 36.99 -1.53 -9.95
CA ILE B 110 37.83 -1.51 -8.75
C ILE B 110 37.05 -1.75 -7.44
N ALA B 111 37.80 -2.21 -6.42
CA ALA B 111 37.30 -2.32 -5.04
C ALA B 111 38.43 -2.03 -4.05
N VAL B 112 38.07 -1.47 -2.91
CA VAL B 112 39.00 -1.21 -1.80
C VAL B 112 38.91 -2.34 -0.75
N GLY B 113 40.04 -2.99 -0.45
CA GLY B 113 40.09 -4.02 0.58
C GLY B 113 41.27 -4.95 0.45
N SER B 114 41.00 -6.24 0.26
CA SER B 114 42.01 -7.27 0.11
C SER B 114 41.32 -8.51 -0.40
N MET B 115 42.12 -9.53 -0.73
CA MET B 115 41.57 -10.79 -1.24
C MET B 115 40.66 -11.46 -0.19
N SER B 116 40.91 -11.17 1.08
CA SER B 116 40.05 -11.65 2.17
C SER B 116 38.63 -11.04 2.21
N MET B 117 38.51 -9.74 1.91
CA MET B 117 37.25 -9.02 2.14
C MET B 117 37.32 -7.62 1.54
N LEU B 118 36.19 -7.13 1.05
CA LEU B 118 36.14 -5.78 0.47
C LEU B 118 35.35 -4.80 1.36
N SER B 119 35.88 -3.58 1.49
CA SER B 119 35.27 -2.52 2.28
C SER B 119 34.27 -1.75 1.44
N THR B 120 34.59 -1.59 0.15
CA THR B 120 33.66 -1.01 -0.82
C THR B 120 34.09 -1.28 -2.25
N SER B 121 33.29 -0.80 -3.19
CA SER B 121 33.56 -0.98 -4.61
C SER B 121 33.14 0.25 -5.37
N ASN B 122 33.78 0.49 -6.52
CA ASN B 122 33.35 1.57 -7.40
C ASN B 122 32.12 1.15 -8.18
N TYR B 123 31.44 2.15 -8.74
CA TYR B 123 30.15 1.93 -9.40
C TYR B 123 30.23 1.13 -10.68
N HIS B 124 31.40 1.07 -11.32
CA HIS B 124 31.59 0.16 -12.46
C HIS B 124 31.69 -1.30 -12.02
N ALA B 125 32.52 -1.58 -11.01
CA ALA B 125 32.63 -2.93 -10.44
C ALA B 125 31.33 -3.41 -9.80
N ARG B 126 30.52 -2.47 -9.32
CA ARG B 126 29.22 -2.81 -8.71
C ARG B 126 28.27 -3.45 -9.71
N ARG B 127 28.30 -2.97 -10.96
CA ARG B 127 27.47 -3.52 -12.05
C ARG B 127 27.76 -5.00 -12.37
N PHE B 128 28.98 -5.47 -12.05
CA PHE B 128 29.34 -6.91 -12.11
C PHE B 128 28.81 -7.76 -10.95
N GLY B 129 28.40 -7.10 -9.86
CA GLY B 129 27.98 -7.77 -8.64
C GLY B 129 28.95 -7.62 -7.47
N VAL B 130 30.01 -6.83 -7.66
CA VAL B 130 31.03 -6.63 -6.63
C VAL B 130 30.62 -5.52 -5.66
N ARG B 131 30.52 -5.87 -4.38
CA ARG B 131 30.04 -4.96 -3.35
C ARG B 131 30.87 -5.15 -2.07
N ALA B 132 30.63 -4.30 -1.08
CA ALA B 132 31.21 -4.45 0.25
C ALA B 132 30.75 -5.74 0.96
N ALA B 133 31.40 -6.05 2.07
CA ALA B 133 31.13 -7.28 2.86
C ALA B 133 31.24 -8.58 2.05
N MET B 134 31.98 -8.51 0.93
CA MET B 134 32.19 -9.65 0.02
C MET B 134 33.68 -9.97 0.00
N PRO B 135 34.05 -11.24 0.03
CA PRO B 135 35.45 -11.57 -0.12
C PRO B 135 35.99 -11.09 -1.44
N GLY B 136 37.25 -10.67 -1.43
CA GLY B 136 37.93 -10.19 -2.63
C GLY B 136 38.00 -11.27 -3.70
N PHE B 137 38.42 -12.47 -3.31
CA PHE B 137 38.54 -13.55 -4.27
C PHE B 137 37.21 -13.88 -4.91
N ILE B 138 36.14 -13.89 -4.12
CA ILE B 138 34.82 -14.13 -4.68
C ILE B 138 34.51 -13.04 -5.71
N ALA B 139 34.85 -11.79 -5.39
CA ALA B 139 34.61 -10.67 -6.33
C ALA B 139 35.40 -10.82 -7.65
N LYS B 140 36.67 -11.22 -7.55
CA LYS B 140 37.54 -11.37 -8.74
C LYS B 140 36.98 -12.49 -9.61
N ARG B 141 36.34 -13.45 -8.95
CA ARG B 141 35.65 -14.55 -9.64
C ARG B 141 34.42 -14.05 -10.40
N LEU B 142 33.78 -13.01 -9.89
CA LEU B 142 32.62 -12.39 -10.52
C LEU B 142 33.03 -11.34 -11.55
N CYS B 143 34.34 -11.08 -11.64
CA CYS B 143 34.86 -9.97 -12.44
C CYS B 143 36.37 -10.12 -12.56
N PRO B 144 36.83 -11.03 -13.45
CA PRO B 144 38.27 -11.29 -13.61
C PRO B 144 39.09 -10.02 -13.78
N GLN B 145 38.63 -9.12 -14.63
CA GLN B 145 39.38 -7.89 -14.94
C GLN B 145 39.29 -6.80 -13.85
N LEU B 146 39.36 -7.16 -12.57
CA LEU B 146 39.19 -6.19 -11.47
C LEU B 146 40.43 -6.04 -10.58
N ILE B 147 40.73 -4.79 -10.23
CA ILE B 147 41.93 -4.39 -9.49
C ILE B 147 41.58 -4.05 -8.03
N ILE B 148 42.12 -4.86 -7.11
CA ILE B 148 41.88 -4.63 -5.68
C ILE B 148 42.95 -3.70 -5.09
N VAL B 149 42.57 -2.46 -4.83
CA VAL B 149 43.45 -1.56 -4.11
C VAL B 149 43.37 -1.83 -2.59
N PRO B 150 44.52 -1.85 -1.91
CA PRO B 150 44.53 -1.90 -0.44
C PRO B 150 44.21 -0.55 0.20
N PRO B 151 43.52 -0.56 1.37
CA PRO B 151 43.02 0.67 2.03
C PRO B 151 44.10 1.56 2.65
N ASN B 152 43.75 2.82 2.88
CA ASN B 152 44.67 3.87 3.30
C ASN B 152 44.00 4.85 4.27
N PHE B 153 43.71 4.37 5.46
CA PHE B 153 42.82 5.03 6.43
C PHE B 153 43.11 6.51 6.71
N ASP B 154 44.36 6.92 6.46
CA ASP B 154 44.80 8.28 6.71
C ASP B 154 44.30 9.21 5.61
N LYS B 155 44.45 8.77 4.36
CA LYS B 155 43.93 9.52 3.21
C LYS B 155 42.43 9.81 3.36
N TYR B 156 41.65 8.76 3.68
CA TYR B 156 40.20 8.92 3.87
C TYR B 156 39.93 9.79 5.07
N ARG B 157 40.59 9.51 6.19
CA ARG B 157 40.44 10.34 7.40
C ARG B 157 40.73 11.81 7.06
N ALA B 158 41.61 12.04 6.08
CA ALA B 158 41.96 13.39 5.56
C ALA B 158 40.86 14.08 4.74
N VAL B 159 40.28 13.35 3.78
CA VAL B 159 39.18 13.86 2.97
C VAL B 159 37.90 14.01 3.77
N SER B 160 37.77 13.23 4.83
CA SER B 160 36.70 13.42 5.80
C SER B 160 36.80 14.80 6.44
N LYS B 161 37.99 15.14 6.93
CA LYS B 161 38.23 16.44 7.57
C LYS B 161 37.87 17.57 6.63
N GLU B 162 38.24 17.42 5.35
CA GLU B 162 37.93 18.41 4.31
C GLU B 162 36.43 18.55 4.05
N VAL B 163 35.69 17.45 4.16
CA VAL B 163 34.24 17.49 3.97
C VAL B 163 33.59 18.03 5.24
N LYS B 164 33.82 17.34 6.35
CA LYS B 164 33.30 17.81 7.64
C LYS B 164 33.56 19.33 7.81
N GLU B 165 34.59 19.82 7.12
CA GLU B 165 34.92 21.25 7.03
C GLU B 165 33.78 22.12 6.48
N ILE B 166 33.40 21.88 5.23
CA ILE B 166 32.31 22.61 4.58
C ILE B 166 31.04 22.52 5.39
N LEU B 167 30.71 21.31 5.83
CA LEU B 167 29.48 21.07 6.58
C LEU B 167 29.24 22.06 7.74
N ALA B 168 30.31 22.40 8.45
CA ALA B 168 30.19 23.16 9.70
C ALA B 168 29.62 24.56 9.47
N ASP B 169 29.87 25.10 8.27
CA ASP B 169 29.26 26.37 7.83
C ASP B 169 27.74 26.35 8.07
N TYR B 170 27.10 25.24 7.67
CA TYR B 170 25.63 25.14 7.61
C TYR B 170 25.02 24.57 8.89
N ASP B 171 25.76 23.71 9.57
CA ASP B 171 25.42 23.31 10.95
C ASP B 171 26.68 22.97 11.75
N PRO B 172 27.09 23.86 12.69
CA PRO B 172 28.25 23.59 13.55
C PRO B 172 28.13 22.30 14.35
N ASN B 173 26.89 21.86 14.59
CA ASN B 173 26.63 20.62 15.35
C ASN B 173 26.38 19.42 14.45
N PHE B 174 26.69 19.59 13.17
CA PHE B 174 26.59 18.51 12.19
C PHE B 174 27.16 17.24 12.81
N MET B 175 26.42 16.13 12.69
CA MET B 175 26.72 14.87 13.39
C MET B 175 27.44 13.87 12.48
N ALA B 176 28.77 13.79 12.58
CA ALA B 176 29.55 12.80 11.82
C ALA B 176 29.21 11.41 12.33
N MET B 177 28.84 10.54 11.39
CA MET B 177 28.44 9.17 11.69
C MET B 177 29.58 8.21 11.31
N SER B 178 30.19 8.48 10.17
CA SER B 178 31.31 7.69 9.72
C SER B 178 32.20 8.61 8.92
N LEU B 179 33.26 8.07 8.33
CA LEU B 179 34.19 8.92 7.60
C LEU B 179 33.53 9.67 6.44
N ASP B 180 32.34 9.23 6.00
CA ASP B 180 31.67 9.80 4.81
C ASP B 180 30.22 10.20 4.99
N GLU B 181 29.69 10.06 6.19
CA GLU B 181 28.27 10.27 6.40
C GLU B 181 28.07 11.20 7.57
N ALA B 182 27.26 12.24 7.36
CA ALA B 182 26.83 13.12 8.46
C ALA B 182 25.37 13.59 8.32
N TYR B 183 24.80 13.97 9.46
CA TYR B 183 23.51 14.63 9.51
C TYR B 183 23.68 16.09 9.88
N LEU B 184 22.95 16.98 9.21
CA LEU B 184 22.93 18.41 9.51
C LEU B 184 21.48 18.82 9.70
N ASN B 185 21.18 19.47 10.83
CA ASN B 185 19.90 20.15 10.97
C ASN B 185 20.10 21.55 10.42
N ILE B 186 19.83 21.73 9.13
CA ILE B 186 19.99 23.04 8.50
C ILE B 186 18.74 23.93 8.58
N THR B 187 17.94 23.80 9.64
CA THR B 187 16.80 24.70 9.86
C THR B 187 17.29 26.15 10.05
N LYS B 188 18.16 26.38 11.05
CA LYS B 188 18.69 27.71 11.37
C LYS B 188 19.31 28.39 10.13
N HIS B 189 20.27 27.72 9.48
CA HIS B 189 20.92 28.31 8.31
C HIS B 189 19.92 28.68 7.22
N LEU B 190 18.94 27.83 6.98
CA LEU B 190 17.88 28.13 6.00
C LEU B 190 17.16 29.43 6.38
N GLU B 191 16.78 29.50 7.65
CA GLU B 191 16.10 30.64 8.24
C GLU B 191 16.78 31.97 7.90
N GLU B 192 18.11 31.98 7.92
CA GLU B 192 18.91 33.14 7.51
C GLU B 192 19.03 33.22 5.99
N ARG B 193 19.36 32.09 5.38
CA ARG B 193 19.61 31.98 3.94
C ARG B 193 18.66 32.82 3.04
N GLN B 194 17.42 32.98 3.48
CA GLN B 194 16.41 33.82 2.77
C GLN B 194 16.80 35.30 2.61
N ASN B 195 17.26 35.92 3.71
CA ASN B 195 17.66 37.34 3.73
C ASN B 195 18.98 37.54 2.97
N TRP B 196 19.86 36.53 3.04
CA TRP B 196 21.15 36.50 2.36
C TRP B 196 21.12 37.12 0.94
N PRO B 197 22.01 38.09 0.65
CA PRO B 197 22.06 38.67 -0.71
C PRO B 197 22.58 37.71 -1.77
N GLU B 198 22.49 38.13 -3.02
CA GLU B 198 22.85 37.32 -4.20
C GLU B 198 24.34 37.04 -4.30
N ASP B 199 25.14 38.10 -4.14
CA ASP B 199 26.61 37.99 -4.04
C ASP B 199 27.01 36.87 -3.07
N LYS B 200 26.30 36.79 -1.93
CA LYS B 200 26.57 35.78 -0.88
C LYS B 200 26.28 34.30 -1.23
N ARG B 201 25.93 34.04 -2.50
CA ARG B 201 25.81 32.68 -3.01
C ARG B 201 26.36 32.60 -4.43
N ARG B 202 27.59 33.09 -4.60
CA ARG B 202 28.32 32.96 -5.87
C ARG B 202 29.52 32.03 -5.66
N TYR B 203 29.74 31.10 -6.60
CA TYR B 203 30.90 30.18 -6.55
C TYR B 203 31.43 29.93 -7.99
N PHE B 204 32.76 29.81 -8.13
CA PHE B 204 33.43 29.87 -9.45
C PHE B 204 33.47 28.52 -10.23
N ILE B 205 34.60 27.81 -10.21
CA ILE B 205 34.71 26.49 -10.86
C ILE B 205 36.17 26.06 -11.00
N VAL B 266 27.77 30.54 -10.92
CA VAL B 266 26.73 29.78 -10.20
C VAL B 266 26.21 30.51 -8.92
N VAL B 267 24.94 30.93 -8.98
CA VAL B 267 24.19 31.37 -7.79
C VAL B 267 23.30 30.23 -7.28
N PHE B 268 23.06 30.21 -5.96
CA PHE B 268 22.25 29.15 -5.34
C PHE B 268 21.04 29.76 -4.62
N GLY B 269 19.86 29.17 -4.85
CA GLY B 269 18.59 29.69 -4.31
C GLY B 269 18.50 29.72 -2.80
N THR B 270 17.28 29.87 -2.28
CA THR B 270 17.05 29.92 -0.83
C THR B 270 16.46 28.64 -0.23
N SER B 271 15.87 27.80 -1.09
CA SER B 271 15.22 26.54 -0.68
C SER B 271 16.23 25.57 -0.09
N ALA B 272 15.75 24.65 0.75
CA ALA B 272 16.59 23.54 1.24
C ALA B 272 17.18 22.76 0.06
N GLN B 273 16.35 22.54 -0.97
CA GLN B 273 16.77 21.90 -2.21
C GLN B 273 17.98 22.60 -2.81
N GLU B 274 18.07 23.92 -2.64
CA GLU B 274 19.21 24.68 -3.19
C GLU B 274 20.46 24.69 -2.32
N VAL B 275 20.33 24.99 -1.03
CA VAL B 275 21.48 24.90 -0.12
C VAL B 275 22.20 23.53 -0.24
N VAL B 276 21.44 22.45 -0.41
CA VAL B 276 22.01 21.11 -0.51
C VAL B 276 22.60 20.84 -1.91
N LYS B 277 22.22 21.62 -2.91
CA LYS B 277 22.95 21.62 -4.20
C LYS B 277 24.30 22.28 -4.00
N GLU B 278 24.33 23.26 -3.12
CA GLU B 278 25.54 24.03 -2.85
C GLU B 278 26.54 23.18 -2.09
N ILE B 279 26.07 22.52 -1.04
CA ILE B 279 26.95 21.68 -0.23
C ILE B 279 27.62 20.64 -1.12
N ARG B 280 26.86 19.97 -1.96
CA ARG B 280 27.41 18.90 -2.77
C ARG B 280 28.40 19.44 -3.80
N PHE B 281 28.28 20.72 -4.13
CA PHE B 281 29.13 21.39 -5.13
C PHE B 281 30.47 21.80 -4.52
N ARG B 282 30.36 22.48 -3.38
CA ARG B 282 31.53 22.83 -2.58
C ARG B 282 32.30 21.60 -2.12
N ILE B 283 31.66 20.43 -2.16
CA ILE B 283 32.32 19.16 -1.83
C ILE B 283 33.06 18.63 -3.05
N GLU B 284 32.32 18.57 -4.16
CA GLU B 284 32.86 18.16 -5.47
C GLU B 284 34.04 19.06 -5.89
N GLN B 285 33.85 20.37 -5.75
CA GLN B 285 34.86 21.35 -6.16
C GLN B 285 36.13 21.33 -5.30
N LYS B 286 35.96 21.11 -4.00
CA LYS B 286 37.07 21.13 -3.05
C LYS B 286 37.88 19.82 -3.05
N THR B 287 37.37 18.76 -3.67
CA THR B 287 38.00 17.46 -3.53
C THR B 287 37.94 16.54 -4.74
N THR B 288 37.16 16.88 -5.77
CA THR B 288 36.85 15.96 -6.90
C THR B 288 35.81 14.90 -6.52
N LEU B 289 35.61 14.66 -5.21
CA LEU B 289 34.69 13.60 -4.77
C LEU B 289 33.24 14.08 -4.70
N THR B 290 32.37 13.25 -5.28
CA THR B 290 30.96 13.56 -5.49
C THR B 290 30.21 13.02 -4.30
N ALA B 291 29.09 13.64 -3.96
CA ALA B 291 28.36 13.29 -2.74
C ALA B 291 26.85 13.37 -2.88
N SER B 292 26.17 12.30 -2.49
CA SER B 292 24.72 12.29 -2.53
C SER B 292 24.12 12.78 -1.21
N ALA B 293 22.85 13.14 -1.25
CA ALA B 293 22.21 13.72 -0.08
C ALA B 293 20.69 13.57 -0.06
N GLY B 294 20.15 13.65 1.15
CA GLY B 294 18.74 13.46 1.37
C GLY B 294 18.25 14.55 2.29
N ILE B 295 17.07 15.06 1.96
CA ILE B 295 16.49 16.15 2.69
C ILE B 295 15.13 15.66 3.13
N ALA B 296 14.82 15.80 4.42
CA ALA B 296 13.53 15.36 4.94
C ALA B 296 13.33 15.78 6.40
N PRO B 297 12.08 15.86 6.85
CA PRO B 297 11.65 16.23 8.20
C PRO B 297 12.36 15.58 9.36
N ASN B 298 13.03 14.47 9.13
CA ASN B 298 13.79 13.81 10.21
C ASN B 298 14.93 12.96 9.69
N THR B 299 15.67 12.42 10.65
CA THR B 299 16.93 11.76 10.37
C THR B 299 16.76 10.38 9.76
N MET B 300 15.67 9.72 10.13
CA MET B 300 15.31 8.39 9.60
C MET B 300 15.03 8.46 8.11
N LEU B 301 14.08 9.32 7.76
CA LEU B 301 13.69 9.55 6.39
C LEU B 301 14.89 10.09 5.58
N ALA B 302 15.59 11.07 6.13
CA ALA B 302 16.68 11.74 5.40
C ALA B 302 17.70 10.74 4.90
N LYS B 303 18.02 9.78 5.77
CA LYS B 303 18.99 8.75 5.41
C LYS B 303 18.55 7.90 4.23
N VAL B 304 17.27 7.57 4.17
CA VAL B 304 16.77 6.74 3.09
C VAL B 304 16.85 7.49 1.76
N CYS B 305 16.56 8.80 1.79
CA CYS B 305 16.57 9.64 0.58
C CYS B 305 17.98 9.83 0.03
N SER B 306 18.94 9.97 0.93
CA SER B 306 20.32 10.17 0.54
C SER B 306 20.86 8.99 -0.25
N ASP B 307 20.12 7.88 -0.29
CA ASP B 307 20.46 6.75 -1.16
C ASP B 307 19.55 6.65 -2.36
N LYS B 308 18.40 7.29 -2.32
CA LYS B 308 17.45 7.18 -3.42
C LYS B 308 18.10 7.60 -4.72
N ASN B 309 18.94 8.64 -4.68
CA ASN B 309 19.57 9.16 -5.91
C ASN B 309 21.06 8.91 -6.10
N LYS B 310 21.73 8.17 -5.21
CA LYS B 310 23.13 7.77 -5.44
C LYS B 310 23.18 7.09 -6.78
N PRO B 311 24.26 7.31 -7.55
CA PRO B 311 25.40 8.15 -7.25
C PRO B 311 25.28 9.57 -7.81
N ASN B 312 25.64 10.54 -6.97
CA ASN B 312 25.72 11.94 -7.35
C ASN B 312 24.36 12.53 -7.58
N GLY B 313 23.53 12.45 -6.56
CA GLY B 313 22.19 12.99 -6.65
C GLY B 313 21.65 13.36 -5.29
N GLN B 314 20.48 13.97 -5.29
CA GLN B 314 19.85 14.33 -4.05
C GLN B 314 18.35 14.16 -4.19
N TYR B 315 17.65 14.25 -3.05
CA TYR B 315 16.23 13.96 -3.01
C TYR B 315 15.61 14.52 -1.72
N GLN B 316 14.40 15.09 -1.83
CA GLN B 316 13.74 15.70 -0.66
C GLN B 316 12.32 15.16 -0.43
N ILE B 317 11.91 15.14 0.83
CA ILE B 317 10.56 14.85 1.21
C ILE B 317 10.03 16.14 1.83
N LEU B 318 9.19 16.87 1.12
CA LEU B 318 8.70 18.16 1.62
C LEU B 318 8.12 17.99 3.03
N PRO B 319 8.14 19.04 3.85
CA PRO B 319 7.82 18.88 5.25
C PRO B 319 6.34 18.99 5.55
N ASN B 320 5.56 18.09 4.97
CA ASN B 320 4.11 17.98 5.22
C ASN B 320 3.78 16.51 5.39
N ARG B 321 2.83 16.19 6.28
CA ARG B 321 2.54 14.77 6.65
C ARG B 321 2.24 13.84 5.46
N GLN B 322 1.45 14.35 4.51
CA GLN B 322 1.10 13.57 3.34
C GLN B 322 2.28 13.14 2.48
N ALA B 323 3.28 14.00 2.34
CA ALA B 323 4.43 13.71 1.48
C ALA B 323 5.30 12.65 2.13
N VAL B 324 5.42 12.73 3.46
CA VAL B 324 6.06 11.69 4.26
C VAL B 324 5.35 10.38 3.98
N MET B 325 4.06 10.35 4.26
CA MET B 325 3.28 9.17 4.04
C MET B 325 3.42 8.60 2.64
N ASP B 326 3.42 9.46 1.62
CA ASP B 326 3.52 8.98 0.24
C ASP B 326 4.87 8.31 -0.03
N PHE B 327 5.92 8.79 0.61
CA PHE B 327 7.25 8.21 0.41
C PHE B 327 7.39 6.93 1.20
N ILE B 328 6.86 6.93 2.41
CA ILE B 328 6.88 5.78 3.31
C ILE B 328 6.09 4.58 2.78
N LYS B 329 5.02 4.86 2.05
CA LYS B 329 3.98 3.89 1.67
C LYS B 329 4.45 2.53 1.20
N ASP B 330 5.21 2.53 0.12
CA ASP B 330 5.65 1.28 -0.48
C ASP B 330 7.13 1.09 -0.26
N LEU B 331 7.63 1.66 0.85
CA LEU B 331 9.05 1.55 1.20
C LEU B 331 9.31 0.20 1.83
N PRO B 332 10.18 -0.61 1.20
CA PRO B 332 10.62 -1.86 1.76
C PRO B 332 11.25 -1.60 3.10
N ILE B 333 10.81 -2.36 4.10
CA ILE B 333 11.23 -2.20 5.50
C ILE B 333 12.75 -2.33 5.70
N ARG B 334 13.40 -3.05 4.80
CA ARG B 334 14.83 -3.19 4.81
C ARG B 334 15.60 -1.88 4.59
N LYS B 335 15.06 -1.00 3.77
CA LYS B 335 15.80 0.23 3.45
C LYS B 335 15.88 1.16 4.67
N VAL B 336 15.05 0.93 5.69
CA VAL B 336 15.11 1.71 6.92
C VAL B 336 16.33 1.31 7.73
N SER B 337 17.05 2.32 8.20
CA SER B 337 18.30 2.12 8.95
C SER B 337 17.99 1.46 10.27
N GLY B 338 18.52 0.27 10.46
CA GLY B 338 18.28 -0.48 11.69
C GLY B 338 17.44 -1.74 11.52
N ILE B 339 16.92 -1.96 10.32
CA ILE B 339 16.27 -3.22 10.00
C ILE B 339 17.28 -4.03 9.19
N GLY B 340 17.86 -5.06 9.79
CA GLY B 340 18.86 -5.90 9.13
C GLY B 340 18.24 -7.02 8.31
N LYS B 341 19.04 -8.05 8.03
CA LYS B 341 18.58 -9.24 7.33
C LYS B 341 17.77 -10.14 8.29
N VAL B 342 18.09 -10.18 9.59
CA VAL B 342 17.33 -11.06 10.49
C VAL B 342 15.92 -10.54 10.75
N THR B 343 15.78 -9.26 11.07
CA THR B 343 14.46 -8.72 11.41
C THR B 343 13.58 -8.64 10.15
N GLU B 344 14.21 -8.43 9.00
CA GLU B 344 13.50 -8.47 7.71
C GLU B 344 12.93 -9.85 7.44
N LYS B 345 13.73 -10.89 7.68
CA LYS B 345 13.30 -12.26 7.42
C LYS B 345 12.13 -12.67 8.27
N MET B 346 12.22 -12.36 9.55
CA MET B 346 11.18 -12.68 10.51
C MET B 346 9.91 -11.89 10.25
N LEU B 347 10.02 -10.59 10.02
CA LEU B 347 8.84 -9.77 9.73
C LEU B 347 8.17 -10.13 8.41
N LYS B 348 8.95 -10.54 7.42
CA LYS B 348 8.37 -11.05 6.17
C LYS B 348 7.56 -12.32 6.45
N ALA B 349 8.06 -13.15 7.34
CA ALA B 349 7.37 -14.38 7.67
C ALA B 349 5.94 -14.08 8.13
N LEU B 350 5.69 -12.86 8.57
CA LEU B 350 4.37 -12.43 9.03
C LEU B 350 3.57 -11.67 7.95
N GLY B 351 4.08 -11.67 6.72
CA GLY B 351 3.45 -10.94 5.64
C GLY B 351 3.83 -9.46 5.58
N ILE B 352 5.00 -9.11 6.14
CA ILE B 352 5.42 -7.70 6.21
C ILE B 352 6.67 -7.44 5.40
N ILE B 353 6.51 -6.66 4.35
CA ILE B 353 7.62 -6.24 3.52
C ILE B 353 7.76 -4.71 3.46
N THR B 354 6.64 -3.98 3.43
CA THR B 354 6.63 -2.52 3.30
C THR B 354 6.00 -1.78 4.51
N CYS B 355 6.39 -0.53 4.68
CA CYS B 355 5.94 0.24 5.85
C CYS B 355 4.44 0.21 6.06
N THR B 356 3.66 0.13 4.98
CA THR B 356 2.19 0.08 5.10
C THR B 356 1.77 -1.23 5.77
N GLU B 357 2.49 -2.32 5.47
CA GLU B 357 2.22 -3.61 6.11
C GLU B 357 2.67 -3.58 7.56
N LEU B 358 3.79 -2.92 7.81
CA LEU B 358 4.33 -2.71 9.16
C LEU B 358 3.40 -1.85 10.02
N TYR B 359 2.64 -0.99 9.38
CA TYR B 359 1.63 -0.24 10.07
C TYR B 359 0.42 -1.13 10.42
N GLN B 360 -0.08 -1.83 9.40
CA GLN B 360 -1.29 -2.70 9.50
C GLN B 360 -1.22 -3.69 10.65
N GLN B 361 -0.02 -4.21 10.93
CA GLN B 361 0.14 -5.25 11.96
C GLN B 361 0.61 -4.70 13.31
N ARG B 362 0.50 -3.38 13.49
CA ARG B 362 0.93 -2.74 14.71
C ARG B 362 0.43 -3.48 15.94
N ALA B 363 -0.83 -3.92 15.94
CA ALA B 363 -1.34 -4.68 17.09
C ALA B 363 -0.49 -5.94 17.31
N LEU B 364 -0.44 -6.82 16.31
CA LEU B 364 0.28 -8.10 16.43
C LEU B 364 1.69 -7.87 16.94
N LEU B 365 2.41 -6.98 16.26
CA LEU B 365 3.82 -6.64 16.59
C LEU B 365 4.02 -6.27 18.08
N SER B 366 3.04 -5.60 18.67
CA SER B 366 3.07 -5.25 20.09
C SER B 366 2.98 -6.49 20.96
N LEU B 367 2.29 -7.51 20.47
CA LEU B 367 2.19 -8.76 21.21
C LEU B 367 3.40 -9.69 20.99
N LEU B 368 3.91 -9.76 19.77
CA LEU B 368 5.00 -10.69 19.50
C LEU B 368 6.34 -10.07 19.82
N PHE B 369 6.45 -8.75 19.82
CA PHE B 369 7.78 -8.14 19.96
C PHE B 369 7.97 -7.35 21.25
N SER B 370 9.24 -7.15 21.57
CA SER B 370 9.65 -6.49 22.77
C SER B 370 9.30 -5.02 22.68
N GLU B 371 8.89 -4.46 23.81
CA GLU B 371 8.32 -3.12 23.84
C GLU B 371 9.17 -2.09 23.08
N THR B 372 10.49 -2.19 23.18
CA THR B 372 11.38 -1.29 22.47
C THR B 372 11.27 -1.48 20.98
N SER B 373 11.24 -2.75 20.55
CA SER B 373 11.11 -3.10 19.13
C SER B 373 9.81 -2.57 18.51
N TRP B 374 8.65 -2.87 19.10
CA TRP B 374 7.42 -2.42 18.46
C TRP B 374 7.19 -0.90 18.50
N HIS B 375 7.73 -0.23 19.50
CA HIS B 375 7.80 1.25 19.47
C HIS B 375 8.60 1.69 18.23
N TYR B 376 9.76 1.08 18.08
CA TYR B 376 10.63 1.43 16.97
C TYR B 376 9.92 1.18 15.63
N PHE B 377 9.28 0.01 15.53
CA PHE B 377 8.53 -0.35 14.32
C PHE B 377 7.47 0.68 14.07
N LEU B 378 6.72 1.02 15.11
CA LEU B 378 5.59 1.94 14.97
C LEU B 378 6.04 3.28 14.42
N HIS B 379 7.13 3.79 14.95
CA HIS B 379 7.71 5.04 14.44
C HIS B 379 7.97 4.92 12.95
N ILE B 380 8.61 3.83 12.53
CA ILE B 380 8.95 3.65 11.13
C ILE B 380 7.70 3.65 10.26
N SER B 381 6.65 2.97 10.72
CA SER B 381 5.43 2.90 9.94
C SER B 381 4.78 4.27 9.77
N LEU B 382 4.94 5.15 10.75
CA LEU B 382 4.30 6.47 10.69
C LEU B 382 5.20 7.52 10.06
N GLY B 383 6.40 7.14 9.63
CA GLY B 383 7.37 8.12 9.07
C GLY B 383 8.20 8.89 10.10
N LEU B 384 7.86 8.72 11.38
CA LEU B 384 8.53 9.37 12.50
C LEU B 384 10.04 9.02 12.60
N GLY B 385 10.83 10.04 12.95
CA GLY B 385 12.28 9.88 13.13
C GLY B 385 12.79 10.97 14.07
N SER B 386 14.11 11.07 14.20
CA SER B 386 14.72 12.06 15.08
C SER B 386 14.88 13.40 14.38
N THR B 387 14.48 14.44 15.10
CA THR B 387 14.38 15.80 14.56
C THR B 387 15.49 16.71 15.10
N HIS B 388 15.73 16.68 16.40
CA HIS B 388 16.85 17.41 16.99
C HIS B 388 18.06 16.47 17.04
N LEU B 389 19.13 16.82 16.33
CA LEU B 389 20.41 16.08 16.39
C LEU B 389 21.05 16.20 17.78
N THR B 390 21.31 15.06 18.43
CA THR B 390 21.88 15.07 19.77
C THR B 390 23.40 15.07 19.67
N ARG B 391 23.94 16.23 19.27
CA ARG B 391 25.39 16.39 19.01
C ARG B 391 26.21 16.12 20.29
N ASP B 392 26.47 14.85 20.56
CA ASP B 392 27.11 14.40 21.81
C ASP B 392 27.30 12.87 21.82
N GLY B 393 28.55 12.42 21.79
CA GLY B 393 28.87 11.01 21.85
C GLY B 393 30.24 10.75 22.44
N GLU B 394 30.27 10.42 23.74
CA GLU B 394 31.50 9.93 24.38
C GLU B 394 31.70 8.43 24.03
N ARG B 395 32.88 8.08 23.51
CA ARG B 395 33.25 6.66 23.28
C ARG B 395 32.96 5.79 24.52
N LYS B 396 32.39 4.61 24.27
CA LYS B 396 32.06 3.64 25.33
C LYS B 396 32.87 2.33 25.27
N SER B 397 33.52 2.05 24.13
CA SER B 397 34.53 0.96 24.04
C SER B 397 35.66 1.23 23.04
N MET B 398 36.66 0.36 23.06
CA MET B 398 37.75 0.39 22.08
C MET B 398 38.39 -0.99 22.07
N SER B 399 38.72 -1.49 20.90
CA SER B 399 39.19 -2.87 20.79
C SER B 399 40.11 -3.15 19.62
N VAL B 400 40.84 -4.25 19.70
CA VAL B 400 41.57 -4.74 18.56
C VAL B 400 41.28 -6.23 18.43
N GLU B 401 41.07 -6.68 17.20
CA GLU B 401 40.81 -8.09 16.91
C GLU B 401 41.39 -8.41 15.55
N ARG B 402 42.01 -9.58 15.42
CA ARG B 402 42.57 -10.02 14.15
C ARG B 402 42.17 -11.43 13.80
N THR B 403 41.88 -11.63 12.53
CA THR B 403 41.67 -12.95 11.96
C THR B 403 42.96 -13.37 11.28
N PHE B 404 43.25 -14.66 11.41
CA PHE B 404 44.52 -15.24 11.02
C PHE B 404 44.38 -16.72 10.67
N SER B 405 45.38 -17.20 9.95
CA SER B 405 45.56 -18.62 9.68
C SER B 405 45.63 -19.38 11.00
N GLU B 406 44.94 -20.53 11.07
CA GLU B 406 44.67 -21.19 12.36
C GLU B 406 45.86 -21.20 13.31
N ILE B 407 45.58 -20.97 14.58
CA ILE B 407 46.57 -21.08 15.65
C ILE B 407 45.94 -21.90 16.75
N ASN B 408 46.61 -22.95 17.21
CA ASN B 408 46.05 -23.76 18.29
C ASN B 408 46.95 -23.89 19.53
N LYS B 409 48.26 -23.66 19.35
CA LYS B 409 49.25 -23.78 20.42
C LYS B 409 49.10 -22.73 21.52
N ALA B 410 48.79 -23.19 22.73
CA ALA B 410 48.47 -22.29 23.84
C ALA B 410 49.52 -21.19 24.03
N GLU B 411 50.80 -21.54 23.94
CA GLU B 411 51.88 -20.56 24.09
C GLU B 411 51.68 -19.40 23.10
N GLU B 412 51.58 -19.72 21.81
CA GLU B 412 51.32 -18.70 20.77
C GLU B 412 50.04 -17.93 21.05
N GLN B 413 49.04 -18.61 21.58
CA GLN B 413 47.80 -17.93 21.93
C GLN B 413 48.10 -16.78 22.94
N TYR B 414 48.84 -17.06 24.01
CA TYR B 414 49.21 -15.99 24.94
C TYR B 414 50.08 -14.87 24.33
N SER B 415 50.85 -15.18 23.28
CA SER B 415 51.60 -14.14 22.58
C SER B 415 50.61 -13.14 21.99
N LEU B 416 49.67 -13.63 21.16
CA LEU B 416 48.61 -12.78 20.56
C LEU B 416 47.91 -11.93 21.60
N CYS B 417 47.33 -12.59 22.60
CA CYS B 417 46.66 -11.89 23.67
C CYS B 417 47.50 -10.70 24.14
N GLN B 418 48.77 -10.98 24.44
CA GLN B 418 49.72 -9.95 24.90
C GLN B 418 49.95 -8.88 23.85
N GLU B 419 50.23 -9.33 22.63
CA GLU B 419 50.41 -8.46 21.49
C GLU B 419 49.20 -7.56 21.21
N LEU B 420 48.00 -8.15 21.24
CA LEU B 420 46.76 -7.40 21.07
C LEU B 420 46.63 -6.36 22.17
N CYS B 421 46.84 -6.76 23.42
CA CYS B 421 46.75 -5.81 24.55
C CYS B 421 47.67 -4.60 24.35
N SER B 422 48.91 -4.81 23.94
CA SER B 422 49.78 -3.67 23.66
C SER B 422 49.14 -2.76 22.59
N GLU B 423 48.90 -3.32 21.41
CA GLU B 423 48.30 -2.60 20.29
C GLU B 423 47.08 -1.78 20.71
N LEU B 424 46.24 -2.38 21.57
CA LEU B 424 45.06 -1.69 22.10
C LEU B 424 45.48 -0.58 23.04
N ALA B 425 46.23 -0.95 24.08
CA ALA B 425 46.79 0.00 25.07
C ALA B 425 47.47 1.20 24.44
N GLN B 426 48.06 1.03 23.28
CA GLN B 426 48.61 2.15 22.55
C GLN B 426 47.52 3.02 21.93
N ASP B 427 46.69 2.43 21.08
CA ASP B 427 45.47 3.10 20.58
C ASP B 427 44.68 3.81 21.69
N LEU B 428 44.62 3.19 22.86
CA LEU B 428 43.83 3.72 23.95
C LEU B 428 44.42 5.01 24.51
N GLN B 429 45.71 4.97 24.76
CA GLN B 429 46.43 6.16 25.21
C GLN B 429 46.33 7.33 24.24
N LYS B 430 46.31 7.10 22.93
CA LYS B 430 46.19 8.18 21.95
C LYS B 430 45.05 9.16 22.30
N GLU B 431 44.06 8.68 23.06
CA GLU B 431 42.95 9.50 23.57
C GLU B 431 42.92 9.56 25.10
N ARG B 432 44.00 9.11 25.73
CA ARG B 432 44.18 9.16 27.18
C ARG B 432 42.96 8.64 27.94
N LEU B 433 42.49 7.45 27.58
CA LEU B 433 41.32 6.85 28.25
C LEU B 433 41.70 5.76 29.24
N LYS B 434 40.84 5.53 30.22
CA LYS B 434 41.02 4.45 31.19
C LYS B 434 39.67 3.80 31.54
N GLY B 435 39.58 2.47 31.47
CA GLY B 435 38.32 1.75 31.71
C GLY B 435 38.47 0.58 32.68
N ARG B 436 37.33 -0.02 33.05
CA ARG B 436 37.31 -1.07 34.07
C ARG B 436 36.91 -2.46 33.57
N THR B 437 36.42 -2.57 32.34
CA THR B 437 35.99 -3.88 31.80
C THR B 437 36.82 -4.31 30.57
N VAL B 438 37.66 -5.32 30.77
CA VAL B 438 38.39 -5.97 29.68
C VAL B 438 37.58 -7.17 29.22
N THR B 439 37.48 -7.36 27.90
CA THR B 439 36.78 -8.52 27.34
C THR B 439 37.56 -9.17 26.23
N ILE B 440 37.82 -10.48 26.32
CA ILE B 440 38.40 -11.19 25.16
C ILE B 440 37.32 -11.73 24.19
N LYS B 441 37.71 -11.79 22.91
CA LYS B 441 36.91 -12.38 21.83
C LYS B 441 37.72 -13.51 21.17
N LEU B 442 37.12 -14.71 21.19
CA LEU B 442 37.73 -15.93 20.68
C LEU B 442 36.84 -16.51 19.59
N LYS B 443 37.44 -17.02 18.51
CA LYS B 443 36.65 -17.57 17.40
C LYS B 443 37.26 -18.79 16.71
N ASN B 444 36.50 -19.90 16.72
CA ASN B 444 36.80 -21.17 16.02
C ASN B 444 37.22 -21.00 14.57
N VAL B 445 37.76 -22.08 14.00
CA VAL B 445 38.00 -22.11 12.55
C VAL B 445 36.67 -22.34 11.86
N ASN B 446 35.70 -22.81 12.65
CA ASN B 446 34.30 -22.89 12.22
C ASN B 446 33.46 -21.64 12.49
N PHE B 447 34.07 -20.53 12.89
CA PHE B 447 33.41 -19.22 13.00
C PHE B 447 32.34 -19.14 14.09
N GLU B 448 32.60 -19.71 15.25
CA GLU B 448 31.71 -19.54 16.38
C GLU B 448 32.41 -18.54 17.26
N VAL B 449 31.77 -18.02 18.31
CA VAL B 449 32.38 -16.94 19.09
C VAL B 449 32.00 -16.93 20.57
N LYS B 450 32.95 -17.32 21.43
CA LYS B 450 32.84 -17.05 22.88
C LYS B 450 33.39 -15.64 23.07
N THR B 451 32.82 -14.88 24.01
CA THR B 451 33.45 -13.64 24.44
C THR B 451 33.29 -13.44 25.94
N ARG B 452 34.21 -14.04 26.68
CA ARG B 452 34.33 -13.84 28.13
C ARG B 452 34.83 -12.41 28.44
N ALA B 453 34.30 -11.85 29.53
CA ALA B 453 34.69 -10.53 30.03
C ALA B 453 34.93 -10.54 31.54
N SER B 454 35.48 -9.43 32.02
CA SER B 454 35.78 -9.26 33.44
C SER B 454 35.94 -7.79 33.73
N THR B 455 35.39 -7.33 34.86
CA THR B 455 35.47 -5.92 35.22
C THR B 455 36.18 -5.78 36.56
N VAL B 456 36.88 -4.66 36.76
CA VAL B 456 37.52 -4.36 38.04
C VAL B 456 36.98 -3.06 38.64
N SER B 457 37.34 -2.82 39.91
CA SER B 457 36.78 -1.72 40.68
C SER B 457 37.58 -0.44 40.55
N SER B 458 38.85 -0.54 40.13
CA SER B 458 39.69 0.65 40.00
C SER B 458 39.56 1.31 38.65
N VAL B 459 40.34 0.84 37.68
CA VAL B 459 40.45 1.49 36.37
C VAL B 459 41.77 0.98 35.84
N VAL B 460 41.91 0.92 34.53
CA VAL B 460 43.10 0.35 33.92
C VAL B 460 43.30 0.99 32.56
N SER B 461 44.55 1.07 32.11
CA SER B 461 44.86 1.58 30.77
C SER B 461 46.14 1.06 30.15
N THR B 462 46.98 0.39 30.93
CA THR B 462 48.29 -0.02 30.42
C THR B 462 48.28 -1.40 29.77
N ALA B 463 49.18 -1.61 28.81
CA ALA B 463 49.33 -2.91 28.18
C ALA B 463 49.48 -4.00 29.23
N GLU B 464 50.15 -3.70 30.33
CA GLU B 464 50.39 -4.72 31.34
C GLU B 464 49.14 -4.96 32.19
N GLU B 465 48.49 -3.88 32.63
CA GLU B 465 47.29 -3.98 33.48
C GLU B 465 46.21 -4.76 32.73
N ILE B 466 46.03 -4.41 31.45
CA ILE B 466 45.05 -5.04 30.57
C ILE B 466 45.41 -6.50 30.37
N PHE B 467 46.60 -6.78 29.85
CA PHE B 467 47.01 -8.17 29.67
C PHE B 467 47.00 -8.97 30.97
N ALA B 468 47.09 -8.28 32.10
CA ALA B 468 46.85 -8.91 33.39
C ALA B 468 45.52 -9.64 33.36
N ILE B 469 44.49 -8.91 32.95
CA ILE B 469 43.11 -9.39 33.01
C ILE B 469 42.80 -10.34 31.85
N ALA B 470 43.16 -9.91 30.65
CA ALA B 470 43.07 -10.73 29.44
C ALA B 470 43.80 -12.09 29.59
N LYS B 471 44.95 -12.12 30.25
CA LYS B 471 45.68 -13.39 30.45
C LYS B 471 44.82 -14.37 31.24
N GLU B 472 44.08 -13.88 32.22
CA GLU B 472 43.27 -14.76 33.08
C GLU B 472 42.01 -15.24 32.38
N LEU B 473 41.37 -14.31 31.68
CA LEU B 473 40.15 -14.63 30.95
C LEU B 473 40.44 -15.70 29.88
N LEU B 474 41.59 -15.58 29.19
CA LEU B 474 42.02 -16.57 28.17
C LEU B 474 42.36 -17.89 28.82
N LYS B 475 43.04 -17.82 29.95
CA LYS B 475 43.53 -19.01 30.66
C LYS B 475 42.35 -19.91 31.02
N THR B 476 41.32 -19.33 31.64
CA THR B 476 40.09 -20.05 32.02
C THR B 476 39.44 -20.81 30.85
N GLU B 477 39.39 -20.16 29.69
CA GLU B 477 38.88 -20.79 28.47
C GLU B 477 39.80 -21.86 27.88
N ILE B 478 41.10 -21.72 28.08
CA ILE B 478 42.05 -22.77 27.73
C ILE B 478 41.88 -23.93 28.71
N ASP B 479 41.58 -23.62 29.97
CA ASP B 479 41.46 -24.63 31.01
C ASP B 479 40.16 -25.44 30.87
N ALA B 480 39.03 -24.75 30.76
CA ALA B 480 37.71 -25.44 30.58
C ALA B 480 37.70 -26.43 29.40
N ASP B 481 38.72 -26.36 28.55
CA ASP B 481 38.81 -27.24 27.39
C ASP B 481 39.95 -28.28 27.45
N PHE B 482 41.02 -27.99 28.20
CA PHE B 482 42.10 -28.98 28.36
C PHE B 482 41.52 -30.40 28.47
N PRO B 483 42.15 -31.38 27.78
CA PRO B 483 43.36 -31.37 26.95
C PRO B 483 43.13 -30.92 25.52
N HIS B 484 41.89 -30.54 25.21
CA HIS B 484 41.51 -30.04 23.89
C HIS B 484 42.01 -28.61 23.67
N PRO B 485 42.90 -28.42 22.69
CA PRO B 485 43.35 -27.07 22.35
C PRO B 485 42.28 -26.26 21.60
N LEU B 486 42.20 -24.97 21.93
CA LEU B 486 41.32 -24.02 21.26
C LEU B 486 41.83 -23.82 19.84
N ARG B 487 40.96 -24.06 18.85
CA ARG B 487 41.35 -23.93 17.43
C ARG B 487 40.82 -22.60 16.93
N LEU B 488 41.70 -21.61 16.92
CA LEU B 488 41.32 -20.23 16.71
C LEU B 488 41.66 -19.79 15.29
N ARG B 489 40.79 -18.95 14.72
CA ARG B 489 41.13 -18.16 13.53
C ARG B 489 41.06 -16.66 13.81
N LEU B 490 40.50 -16.26 14.95
CA LEU B 490 40.37 -14.85 15.32
C LEU B 490 40.46 -14.71 16.84
N MET B 491 41.17 -13.66 17.28
CA MET B 491 41.24 -13.30 18.68
C MET B 491 41.11 -11.80 18.76
N GLY B 492 40.56 -11.32 19.87
CA GLY B 492 40.45 -9.89 20.08
C GLY B 492 40.41 -9.55 21.54
N VAL B 493 40.77 -8.31 21.85
CA VAL B 493 40.71 -7.78 23.22
C VAL B 493 40.08 -6.38 23.20
N ARG B 494 39.27 -6.09 24.21
CA ARG B 494 38.50 -4.86 24.26
C ARG B 494 38.34 -4.30 25.68
N ILE B 495 38.61 -2.98 25.82
CA ILE B 495 38.37 -2.25 27.06
C ILE B 495 37.15 -1.36 26.93
N SER B 496 36.41 -1.23 28.04
CA SER B 496 35.10 -0.56 28.05
C SER B 496 34.77 -0.09 29.47
N SER B 497 33.61 0.54 29.61
CA SER B 497 33.17 1.16 30.87
C SER B 497 34.19 2.20 31.33
N PHE B 498 34.08 3.35 30.67
CA PHE B 498 34.81 4.55 31.00
C PHE B 498 33.98 5.44 31.95
N PRO B 499 34.67 6.20 32.83
CA PRO B 499 34.04 7.17 33.77
C PRO B 499 33.14 8.26 33.13
N ASN B 500 33.26 8.48 31.83
CA ASN B 500 32.50 9.51 31.08
C ASN B 500 32.44 10.89 31.78
#